data_7OY5
#
_entry.id   7OY5
#
_cell.length_a   82.570
_cell.length_b   86.070
_cell.length_c   178.590
_cell.angle_alpha   90.000
_cell.angle_beta   90.000
_cell.angle_gamma   90.000
#
_symmetry.space_group_name_H-M   'P 21 21 21'
#
loop_
_entity.id
_entity.type
_entity.pdbx_description
1 polymer 'Glycogen synthase kinase-3 beta'
2 non-polymer ~{N}4-(3-cyclopropyl-1~{H}-pyrazol-5-yl)-~{N}2-(phenylmethyl)thieno[3,2-d]pyrimidine-2,4-diamine
3 non-polymer 'CHLORIDE ION'
4 water water
#
_entity_poly.entity_id   1
_entity_poly.type   'polypeptide(L)'
_entity_poly.pdbx_seq_one_letter_code
;SKVTTVVATPGQGPDRPQEVSYTDTKVIGNGSFGVVYQAKLCDSGELVAIKKVLQDKRFKNRELQIMRKLDHCNIVRLRY
FFYSSGEKKDEVYLNLVLDYVPETVYRVARHYSRAKQTLPVIYVKLYMYQLFRSLAYIHSFGICHRDIKPQNLLLDPDTA
VLKLCDFGSAKQLVRGEPNVSYICSRYYRAPELIFGATDYTSSIDVWSAGCVLAELLLGQPIFPGDSGVDQLVEIIKVLG
TPTREQIREMNPNYTEFKFPQIKAHPWTKVFRPRTPPEAIALCSRLLEYTPTARLTPLEACAHSFFDELRDPNVKLPNGR
DTPALFNFTTQELSSNPPLATILIPPHARIQ
;
_entity_poly.pdbx_strand_id   A,B
#
loop_
_chem_comp.id
_chem_comp.type
_chem_comp.name
_chem_comp.formula
39I non-polymer ~{N}4-(3-cyclopropyl-1~{H}-pyrazol-5-yl)-~{N}2-(phenylmethyl)thieno[3,2-d]pyrimidine-2,4-diamine 'C19 H18 N6 S'
CL non-polymer 'CHLORIDE ION' 'Cl -1'
#
# COMPACT_ATOMS: atom_id res chain seq x y z
N SER A 1 -14.99 13.18 -38.93
CA SER A 1 -14.29 13.04 -37.61
C SER A 1 -14.29 14.40 -36.89
N LYS A 2 -14.30 14.39 -35.55
CA LYS A 2 -14.44 15.59 -34.67
C LYS A 2 -13.08 16.32 -34.47
N VAL A 3 -13.14 17.64 -34.25
CA VAL A 3 -11.93 18.52 -34.19
C VAL A 3 -12.11 19.63 -33.14
N THR A 4 -11.37 19.50 -32.04
CA THR A 4 -11.25 20.50 -30.95
C THR A 4 -10.09 21.44 -31.26
N THR A 5 -10.34 22.74 -31.19
CA THR A 5 -9.31 23.78 -31.37
C THR A 5 -9.30 24.67 -30.13
N VAL A 6 -8.12 24.85 -29.54
CA VAL A 6 -7.92 25.67 -28.31
C VAL A 6 -6.79 26.67 -28.57
N VAL A 7 -6.71 27.70 -27.74
CA VAL A 7 -5.55 28.61 -27.68
C VAL A 7 -4.69 28.20 -26.48
N ALA A 8 -3.46 27.73 -26.73
CA ALA A 8 -2.53 27.13 -25.74
C ALA A 8 -1.28 28.01 -25.56
N THR A 9 -0.80 28.11 -24.33
CA THR A 9 0.56 28.64 -23.99
C THR A 9 1.58 27.53 -24.23
N PRO A 10 2.79 27.83 -24.75
CA PRO A 10 3.85 26.81 -24.87
C PRO A 10 4.46 26.53 -23.50
N GLY A 11 4.90 25.29 -23.29
CA GLY A 11 5.46 24.85 -21.99
C GLY A 11 6.81 25.47 -21.72
N GLN A 12 7.71 25.33 -22.72
CA GLN A 12 9.04 25.99 -22.77
C GLN A 12 8.90 27.31 -23.54
N GLY A 13 9.88 28.19 -23.44
CA GLY A 13 9.97 29.44 -24.23
C GLY A 13 9.11 30.54 -23.65
N PRO A 14 8.86 31.63 -24.40
CA PRO A 14 8.08 32.76 -23.90
C PRO A 14 6.59 32.60 -24.22
N ASP A 15 5.79 33.51 -23.68
CA ASP A 15 4.31 33.39 -23.49
C ASP A 15 3.56 33.90 -24.72
N ARG A 16 3.73 33.26 -25.87
CA ARG A 16 3.04 33.66 -27.12
C ARG A 16 2.01 32.58 -27.46
N PRO A 17 0.71 32.87 -27.21
CA PRO A 17 -0.34 31.84 -27.32
C PRO A 17 -0.33 31.23 -28.72
N GLN A 18 -0.73 29.98 -28.88
CA GLN A 18 -0.74 29.31 -30.21
C GLN A 18 -2.05 28.50 -30.37
N GLU A 19 -2.66 28.56 -31.54
CA GLU A 19 -3.82 27.71 -31.91
C GLU A 19 -3.36 26.25 -31.96
N VAL A 20 -4.07 25.36 -31.30
CA VAL A 20 -3.79 23.90 -31.35
C VAL A 20 -5.10 23.18 -31.66
N SER A 21 -5.06 22.33 -32.68
CA SER A 21 -6.20 21.53 -33.16
C SER A 21 -5.80 20.07 -33.05
N TYR A 22 -6.64 19.27 -32.41
CA TYR A 22 -6.43 17.81 -32.28
C TYR A 22 -7.74 17.08 -32.50
N THR A 23 -7.63 15.77 -32.67
CA THR A 23 -8.75 14.85 -33.00
C THR A 23 -8.47 13.48 -32.35
N ASP A 24 -9.31 12.48 -32.62
CA ASP A 24 -9.23 11.07 -32.13
C ASP A 24 -9.11 11.05 -30.60
N THR A 25 -9.69 12.03 -29.90
CA THR A 25 -9.63 12.12 -28.41
C THR A 25 -10.10 10.76 -27.91
N LYS A 26 -9.39 10.20 -26.92
CA LYS A 26 -9.60 8.86 -26.33
C LYS A 26 -9.10 8.90 -24.87
N VAL A 27 -9.73 8.18 -23.95
CA VAL A 27 -9.23 8.07 -22.54
C VAL A 27 -8.26 6.90 -22.48
N ILE A 28 -7.12 7.09 -21.82
CA ILE A 28 -6.06 6.05 -21.62
C ILE A 28 -5.73 5.88 -20.13
N GLY A 29 -6.32 6.69 -19.24
CA GLY A 29 -5.95 6.70 -17.81
C GLY A 29 -6.93 7.48 -16.95
N ASN A 30 -7.28 6.90 -15.81
CA ASN A 30 -8.18 7.49 -14.79
C ASN A 30 -7.42 7.41 -13.46
N GLY A 31 -7.70 8.31 -12.50
CA GLY A 31 -7.14 8.23 -11.14
C GLY A 31 -7.25 9.54 -10.38
N SER A 32 -6.82 9.54 -9.12
CA SER A 32 -6.93 10.65 -8.15
C SER A 32 -6.60 12.00 -8.79
N PHE A 33 -5.50 12.05 -9.55
CA PHE A 33 -4.97 13.23 -10.28
C PHE A 33 -6.08 13.84 -11.14
N GLY A 34 -6.76 13.01 -11.94
CA GLY A 34 -7.80 13.38 -12.90
C GLY A 34 -7.78 12.43 -14.10
N VAL A 35 -7.98 12.94 -15.32
CA VAL A 35 -8.07 12.12 -16.55
C VAL A 35 -6.85 12.32 -17.45
N VAL A 36 -6.40 11.25 -18.11
CA VAL A 36 -5.40 11.32 -19.21
C VAL A 36 -6.06 10.84 -20.51
N TYR A 37 -6.20 11.80 -21.44
CA TYR A 37 -6.64 11.58 -22.84
C TYR A 37 -5.41 11.42 -23.74
N GLN A 38 -5.45 10.46 -24.66
CA GLN A 38 -4.62 10.48 -25.89
C GLN A 38 -5.39 11.26 -26.96
N ALA A 39 -4.68 11.90 -27.88
CA ALA A 39 -5.21 12.71 -29.00
C ALA A 39 -4.20 12.64 -30.15
N LYS A 40 -4.62 12.95 -31.38
CA LYS A 40 -3.73 13.08 -32.56
C LYS A 40 -3.82 14.52 -33.06
N LEU A 41 -2.68 15.23 -33.08
CA LEU A 41 -2.61 16.62 -33.58
C LEU A 41 -2.95 16.66 -35.08
N CYS A 42 -3.76 17.64 -35.47
CA CYS A 42 -4.32 17.78 -36.85
C CYS A 42 -3.20 17.97 -37.87
N ASP A 43 -2.47 19.09 -37.77
CA ASP A 43 -1.30 19.46 -38.63
C ASP A 43 -0.29 18.30 -38.70
N SER A 44 0.40 17.96 -37.59
CA SER A 44 1.59 17.05 -37.55
C SER A 44 1.15 15.60 -37.71
N GLY A 45 -0.04 15.24 -37.21
CA GLY A 45 -0.45 13.83 -37.01
C GLY A 45 0.28 13.19 -35.83
N GLU A 46 1.02 13.97 -35.05
CA GLU A 46 1.76 13.43 -33.88
C GLU A 46 0.75 13.08 -32.77
N LEU A 47 1.02 12.02 -32.01
CA LEU A 47 0.22 11.62 -30.82
C LEU A 47 0.64 12.44 -29.60
N VAL A 48 -0.31 12.90 -28.80
CA VAL A 48 -0.04 13.62 -27.52
C VAL A 48 -0.88 13.01 -26.42
N ALA A 49 -0.55 13.33 -25.16
CA ALA A 49 -1.28 12.89 -23.96
C ALA A 49 -1.75 14.13 -23.26
N ILE A 50 -3.03 14.24 -22.95
CA ILE A 50 -3.58 15.44 -22.26
C ILE A 50 -3.99 15.00 -20.85
N LYS A 51 -3.39 15.62 -19.84
CA LYS A 51 -3.64 15.39 -18.41
C LYS A 51 -4.49 16.56 -17.90
N LYS A 52 -5.80 16.31 -17.71
CA LYS A 52 -6.84 17.28 -17.25
C LYS A 52 -6.97 17.14 -15.73
N VAL A 53 -6.91 18.26 -15.02
CA VAL A 53 -6.79 18.29 -13.54
C VAL A 53 -7.60 19.48 -13.03
N LEU A 54 -8.11 19.40 -11.80
CA LEU A 54 -8.91 20.47 -11.16
C LEU A 54 -7.97 21.58 -10.70
N GLN A 55 -8.22 22.82 -11.11
CA GLN A 55 -7.34 23.95 -10.78
C GLN A 55 -7.91 24.66 -9.55
N ASP A 56 -7.15 24.68 -8.45
CA ASP A 56 -7.42 25.53 -7.26
C ASP A 56 -7.49 26.99 -7.71
N LYS A 57 -8.55 27.70 -7.30
CA LYS A 57 -8.72 29.17 -7.47
C LYS A 57 -7.65 29.85 -6.59
N ARG A 58 -7.32 29.20 -5.47
CA ARG A 58 -6.37 29.68 -4.41
C ARG A 58 -4.97 30.07 -4.87
N PHE A 59 -4.20 29.11 -5.40
CA PHE A 59 -2.76 29.25 -5.75
C PHE A 59 -2.63 28.66 -7.16
N LYS A 60 -1.50 28.92 -7.83
CA LYS A 60 -1.22 28.39 -9.20
C LYS A 60 -0.77 26.93 -9.02
N ASN A 61 -0.96 26.07 -10.03
CA ASN A 61 -0.69 24.61 -9.95
C ASN A 61 0.84 24.40 -9.87
N ARG A 62 1.31 23.66 -8.86
CA ARG A 62 2.74 23.39 -8.57
C ARG A 62 3.32 22.49 -9.67
N GLU A 63 2.62 21.41 -10.03
CA GLU A 63 3.04 20.46 -11.10
C GLU A 63 3.39 21.31 -12.32
N LEU A 64 2.51 22.22 -12.71
CA LEU A 64 2.79 23.17 -13.83
C LEU A 64 4.07 23.94 -13.55
N GLN A 65 4.14 24.71 -12.44
CA GLN A 65 5.24 25.68 -12.14
C GLN A 65 6.56 24.91 -12.22
N ILE A 66 6.56 23.66 -11.76
CA ILE A 66 7.74 22.76 -11.85
C ILE A 66 8.03 22.41 -13.31
N MET A 67 7.07 21.86 -14.05
CA MET A 67 7.33 21.25 -15.39
C MET A 67 7.80 22.32 -16.40
N ARG A 68 7.46 23.59 -16.17
CA ARG A 68 7.81 24.72 -17.08
C ARG A 68 9.29 25.05 -16.97
N LYS A 69 9.94 24.75 -15.84
CA LYS A 69 11.39 24.95 -15.60
C LYS A 69 12.23 23.77 -16.10
N LEU A 70 11.61 22.68 -16.59
CA LEU A 70 12.29 21.37 -16.79
C LEU A 70 12.48 21.14 -18.28
N ASP A 71 13.71 20.86 -18.72
CA ASP A 71 14.04 20.58 -20.15
C ASP A 71 15.19 19.57 -20.17
N HIS A 72 14.87 18.29 -20.42
CA HIS A 72 15.83 17.15 -20.34
C HIS A 72 15.26 16.03 -21.19
N CYS A 73 16.13 15.24 -21.83
CA CYS A 73 15.80 14.21 -22.87
CA CYS A 73 15.64 14.30 -22.87
C CYS A 73 15.18 12.97 -22.23
N ASN A 74 15.23 12.87 -20.89
CA ASN A 74 14.69 11.72 -20.14
C ASN A 74 13.51 12.16 -19.24
N ILE A 75 12.81 13.22 -19.61
CA ILE A 75 11.59 13.76 -18.95
C ILE A 75 10.58 14.14 -20.04
N VAL A 76 9.34 13.64 -19.93
CA VAL A 76 8.25 13.99 -20.89
C VAL A 76 8.22 15.50 -21.08
N ARG A 77 8.06 15.91 -22.33
CA ARG A 77 7.99 17.33 -22.72
C ARG A 77 6.56 17.81 -22.51
N LEU A 78 6.42 18.97 -21.89
CA LEU A 78 5.15 19.72 -21.83
C LEU A 78 5.08 20.61 -23.09
N ARG A 79 4.32 20.20 -24.09
CA ARG A 79 4.23 20.95 -25.37
C ARG A 79 3.45 22.24 -25.14
N TYR A 80 2.21 22.13 -24.69
CA TYR A 80 1.35 23.30 -24.38
C TYR A 80 0.58 23.06 -23.08
N PHE A 81 -0.10 24.10 -22.63
CA PHE A 81 -0.96 24.05 -21.44
C PHE A 81 -2.06 25.09 -21.62
N PHE A 82 -3.30 24.73 -21.26
CA PHE A 82 -4.47 25.64 -21.31
C PHE A 82 -5.42 25.38 -20.16
N TYR A 83 -6.22 26.39 -19.88
CA TYR A 83 -7.35 26.34 -18.93
C TYR A 83 -8.65 26.05 -19.72
N SER A 84 -9.56 25.23 -19.18
CA SER A 84 -10.83 24.80 -19.82
C SER A 84 -11.89 24.35 -18.80
N SER A 85 -12.99 23.79 -19.31
CA SER A 85 -14.09 23.12 -18.56
C SER A 85 -14.94 22.28 -19.53
N LYS A 89 -19.21 20.78 -14.98
CA LYS A 89 -18.98 20.84 -13.51
C LYS A 89 -19.10 22.29 -13.01
N ASP A 90 -18.75 23.28 -13.84
CA ASP A 90 -18.97 24.73 -13.56
C ASP A 90 -17.90 25.29 -12.60
N GLU A 91 -16.68 24.73 -12.64
CA GLU A 91 -15.39 25.37 -12.22
C GLU A 91 -14.32 24.99 -13.25
N VAL A 92 -13.05 25.30 -12.98
CA VAL A 92 -12.00 25.39 -14.04
C VAL A 92 -10.98 24.26 -13.89
N TYR A 93 -10.59 23.66 -15.03
CA TYR A 93 -9.60 22.56 -15.20
C TYR A 93 -8.32 23.08 -15.89
N LEU A 94 -7.16 22.56 -15.48
CA LEU A 94 -5.83 22.76 -16.13
C LEU A 94 -5.51 21.53 -16.98
N ASN A 95 -5.25 21.71 -18.27
CA ASN A 95 -4.87 20.60 -19.18
C ASN A 95 -3.38 20.69 -19.46
N LEU A 96 -2.71 19.54 -19.56
CA LEU A 96 -1.26 19.46 -19.85
C LEU A 96 -1.10 18.57 -21.09
N VAL A 97 -0.88 19.20 -22.24
CA VAL A 97 -0.49 18.52 -23.52
C VAL A 97 0.99 18.06 -23.43
N LEU A 98 1.25 16.75 -23.50
CA LEU A 98 2.56 16.14 -23.23
C LEU A 98 2.86 15.15 -24.36
N ASP A 99 4.14 14.91 -24.66
CA ASP A 99 4.49 13.86 -25.65
C ASP A 99 3.71 12.62 -25.24
N TYR A 100 3.15 11.87 -26.18
CA TYR A 100 2.70 10.48 -25.96
C TYR A 100 3.89 9.58 -26.28
N VAL A 101 4.08 8.56 -25.47
CA VAL A 101 5.22 7.62 -25.48
C VAL A 101 4.61 6.23 -25.35
N PRO A 102 4.79 5.34 -26.35
CA PRO A 102 3.90 4.20 -26.50
C PRO A 102 4.01 3.01 -25.51
N GLU A 103 4.94 3.03 -24.56
CA GLU A 103 5.09 1.91 -23.59
C GLU A 103 5.44 2.42 -22.19
N THR A 104 5.35 1.55 -21.19
CA THR A 104 5.74 1.84 -19.79
C THR A 104 6.51 0.66 -19.22
N VAL A 105 7.43 0.92 -18.30
CA VAL A 105 8.23 -0.19 -17.69
C VAL A 105 7.25 -1.17 -17.03
N TYR A 106 6.19 -0.67 -16.38
CA TYR A 106 5.18 -1.52 -15.70
C TYR A 106 4.73 -2.63 -16.65
N ARG A 107 4.30 -2.22 -17.84
CA ARG A 107 3.74 -3.12 -18.88
C ARG A 107 4.86 -4.07 -19.29
N VAL A 108 6.01 -3.51 -19.63
CA VAL A 108 7.13 -4.30 -20.20
C VAL A 108 7.52 -5.34 -19.15
N ALA A 109 7.83 -4.92 -17.92
CA ALA A 109 8.15 -5.83 -16.80
C ALA A 109 7.13 -6.97 -16.75
N ARG A 110 5.84 -6.64 -16.91
CA ARG A 110 4.74 -7.62 -16.73
C ARG A 110 4.64 -8.56 -17.94
N HIS A 111 4.78 -8.08 -19.18
CA HIS A 111 4.81 -8.94 -20.40
C HIS A 111 5.84 -10.04 -20.18
N TYR A 112 7.03 -9.71 -19.71
CA TYR A 112 8.14 -10.67 -19.48
C TYR A 112 7.80 -11.57 -18.27
N SER A 113 7.20 -10.99 -17.24
CA SER A 113 7.04 -11.66 -15.92
C SER A 113 6.13 -12.89 -16.03
N ARG A 114 5.02 -12.79 -16.77
CA ARG A 114 4.03 -13.90 -16.86
C ARG A 114 4.37 -14.80 -18.05
N ALA A 115 5.52 -14.58 -18.68
CA ALA A 115 6.09 -15.50 -19.68
C ALA A 115 7.32 -16.20 -19.09
N LYS A 116 7.35 -16.42 -17.76
CA LYS A 116 8.54 -16.88 -16.97
C LYS A 116 9.86 -16.41 -17.59
N GLN A 117 9.99 -15.12 -17.89
CA GLN A 117 11.17 -14.50 -18.55
C GLN A 117 11.60 -13.27 -17.77
N THR A 118 12.90 -13.00 -17.65
CA THR A 118 13.44 -11.67 -17.27
C THR A 118 13.88 -10.94 -18.53
N LEU A 119 13.72 -9.61 -18.48
CA LEU A 119 14.14 -8.62 -19.49
C LEU A 119 15.66 -8.75 -19.67
N PRO A 120 16.18 -8.85 -20.91
CA PRO A 120 17.60 -8.78 -21.15
C PRO A 120 18.29 -7.61 -20.41
N VAL A 121 19.40 -7.95 -19.76
CA VAL A 121 20.18 -7.04 -18.88
C VAL A 121 20.48 -5.75 -19.64
N ILE A 122 20.76 -5.83 -20.94
CA ILE A 122 21.10 -4.61 -21.71
C ILE A 122 19.98 -3.55 -21.57
N TYR A 123 18.69 -3.94 -21.56
CA TYR A 123 17.59 -2.94 -21.46
C TYR A 123 17.55 -2.41 -20.01
N VAL A 124 17.81 -3.30 -19.04
CA VAL A 124 17.87 -2.92 -17.60
C VAL A 124 18.88 -1.78 -17.47
N LYS A 125 20.07 -1.94 -18.05
CA LYS A 125 21.17 -0.93 -18.00
C LYS A 125 20.63 0.35 -18.65
N LEU A 126 20.13 0.22 -19.85
CA LEU A 126 19.68 1.41 -20.57
C LEU A 126 18.63 2.15 -19.75
N TYR A 127 17.62 1.43 -19.27
CA TYR A 127 16.41 2.05 -18.65
C TYR A 127 16.86 2.69 -17.32
N MET A 128 17.63 1.94 -16.52
CA MET A 128 18.08 2.42 -15.20
C MET A 128 19.01 3.62 -15.38
N TYR A 129 19.90 3.56 -16.35
CA TYR A 129 20.84 4.66 -16.61
C TYR A 129 20.03 5.93 -16.88
N GLN A 130 19.07 5.86 -17.78
CA GLN A 130 18.33 7.09 -18.19
C GLN A 130 17.54 7.63 -16.99
N LEU A 131 17.15 6.75 -16.07
CA LEU A 131 16.35 7.20 -14.88
C LEU A 131 17.26 7.99 -13.92
N PHE A 132 18.42 7.45 -13.56
CA PHE A 132 19.41 8.18 -12.72
C PHE A 132 19.76 9.52 -13.38
N ARG A 133 19.95 9.59 -14.70
CA ARG A 133 20.15 10.88 -15.37
C ARG A 133 19.01 11.88 -15.04
N SER A 134 17.74 11.47 -15.15
CA SER A 134 16.57 12.38 -14.94
C SER A 134 16.55 12.88 -13.48
N LEU A 135 16.92 11.99 -12.53
CA LEU A 135 16.96 12.33 -11.09
C LEU A 135 18.11 13.32 -10.83
N ALA A 136 19.31 12.99 -11.31
CA ALA A 136 20.46 13.92 -11.29
C ALA A 136 19.99 15.29 -11.76
N TYR A 137 19.16 15.36 -12.80
CA TYR A 137 18.73 16.66 -13.35
C TYR A 137 17.79 17.34 -12.35
N ILE A 138 16.71 16.70 -11.90
CA ILE A 138 15.68 17.44 -11.10
C ILE A 138 16.29 17.73 -9.72
N HIS A 139 17.10 16.81 -9.21
CA HIS A 139 17.78 17.01 -7.91
C HIS A 139 18.70 18.23 -8.01
N SER A 140 19.40 18.41 -9.12
CA SER A 140 20.17 19.65 -9.39
C SER A 140 19.39 20.90 -8.95
N PHE A 141 18.05 20.94 -9.09
CA PHE A 141 17.21 22.12 -8.73
C PHE A 141 16.62 22.01 -7.31
N GLY A 142 17.04 21.02 -6.52
CA GLY A 142 16.47 20.70 -5.19
C GLY A 142 15.04 20.17 -5.25
N ILE A 143 14.55 19.75 -6.42
CA ILE A 143 13.21 19.14 -6.63
C ILE A 143 13.30 17.61 -6.53
N CYS A 144 12.45 17.02 -5.68
CA CYS A 144 12.33 15.57 -5.41
C CYS A 144 11.06 15.10 -6.12
N HIS A 145 11.08 13.96 -6.82
CA HIS A 145 9.91 13.45 -7.60
C HIS A 145 8.84 12.95 -6.63
N ARG A 146 9.26 12.03 -5.75
CA ARG A 146 8.48 11.52 -4.59
C ARG A 146 7.49 10.45 -5.04
N ASP A 147 7.54 9.99 -6.29
CA ASP A 147 6.64 8.90 -6.75
C ASP A 147 7.25 7.74 -7.56
N ILE A 148 8.56 7.68 -7.63
CA ILE A 148 9.28 6.84 -8.62
C ILE A 148 8.69 5.45 -8.52
N LYS A 149 8.19 4.91 -9.63
CA LYS A 149 7.61 3.55 -9.76
C LYS A 149 7.49 3.19 -11.23
N PRO A 150 7.46 1.88 -11.55
CA PRO A 150 7.47 1.43 -12.95
C PRO A 150 6.40 2.08 -13.84
N GLN A 151 5.23 2.42 -13.29
CA GLN A 151 4.03 2.90 -14.04
C GLN A 151 4.30 4.32 -14.60
N ASN A 152 5.26 5.01 -14.00
CA ASN A 152 5.66 6.44 -14.18
C ASN A 152 6.94 6.57 -15.04
N LEU A 153 7.45 5.45 -15.56
CA LEU A 153 8.59 5.33 -16.50
C LEU A 153 8.08 4.93 -17.88
N LEU A 154 7.99 5.92 -18.77
CA LEU A 154 7.54 5.75 -20.18
C LEU A 154 8.72 5.28 -21.03
N LEU A 155 8.43 4.46 -22.03
CA LEU A 155 9.48 3.86 -22.89
C LEU A 155 9.15 4.03 -24.37
N ASP A 156 10.19 4.08 -25.19
CA ASP A 156 10.02 3.94 -26.65
C ASP A 156 10.68 2.60 -26.91
N PRO A 157 9.95 1.52 -27.22
CA PRO A 157 10.61 0.21 -27.35
C PRO A 157 11.67 0.22 -28.46
N ASP A 158 11.48 1.08 -29.47
CA ASP A 158 12.31 1.09 -30.71
C ASP A 158 13.62 1.84 -30.43
N THR A 159 13.56 3.03 -29.83
CA THR A 159 14.75 3.88 -29.55
C THR A 159 15.41 3.49 -28.23
N ALA A 160 14.70 2.81 -27.32
CA ALA A 160 15.15 2.49 -25.95
C ALA A 160 15.23 3.78 -25.09
N VAL A 161 14.56 4.85 -25.51
CA VAL A 161 14.52 6.15 -24.77
C VAL A 161 13.52 5.96 -23.65
N LEU A 162 13.93 6.27 -22.42
CA LEU A 162 13.05 6.24 -21.22
C LEU A 162 12.75 7.67 -20.86
N LYS A 163 11.50 7.95 -20.48
CA LYS A 163 11.07 9.31 -20.11
C LYS A 163 10.32 9.20 -18.78
N LEU A 164 10.68 10.04 -17.83
CA LEU A 164 10.06 10.13 -16.49
C LEU A 164 8.84 11.06 -16.59
N CYS A 165 7.69 10.61 -16.11
CA CYS A 165 6.46 11.43 -16.13
C CYS A 165 5.84 11.49 -14.72
N ASP A 166 4.79 12.28 -14.57
CA ASP A 166 4.00 12.50 -13.32
C ASP A 166 4.76 13.34 -12.30
N PHE A 167 4.56 14.65 -12.32
CA PHE A 167 5.21 15.55 -11.36
C PHE A 167 4.13 16.09 -10.42
N GLY A 168 3.14 15.24 -10.16
CA GLY A 168 1.98 15.57 -9.31
C GLY A 168 2.31 15.57 -7.82
N SER A 169 3.30 14.78 -7.38
CA SER A 169 3.84 14.73 -5.99
C SER A 169 5.13 15.55 -5.85
N ALA A 170 5.78 15.88 -6.97
CA ALA A 170 7.11 16.52 -6.97
C ALA A 170 7.04 17.87 -6.26
N LYS A 171 8.10 18.19 -5.52
CA LYS A 171 8.21 19.35 -4.62
C LYS A 171 9.70 19.67 -4.40
N GLN A 172 10.03 20.96 -4.30
CA GLN A 172 11.39 21.39 -3.91
C GLN A 172 11.56 21.15 -2.42
N LEU A 173 12.57 20.39 -2.00
CA LEU A 173 12.86 20.18 -0.55
C LEU A 173 13.89 21.19 -0.06
N VAL A 174 13.45 22.18 0.73
CA VAL A 174 14.33 23.11 1.51
C VAL A 174 14.63 22.50 2.88
N ARG A 175 15.89 22.59 3.36
CA ARG A 175 16.30 21.99 4.66
C ARG A 175 15.69 22.84 5.75
N GLY A 176 15.26 22.21 6.85
CA GLY A 176 14.55 22.87 7.95
C GLY A 176 13.05 22.97 7.70
N GLU A 177 12.60 22.95 6.45
CA GLU A 177 11.14 22.90 6.12
C GLU A 177 10.71 21.44 6.17
N PRO A 178 9.56 21.10 6.81
CA PRO A 178 9.11 19.71 6.92
C PRO A 178 8.27 19.33 5.69
N ASN A 179 8.09 18.02 5.46
CA ASN A 179 7.34 17.50 4.28
C ASN A 179 6.53 16.26 4.66
N VAL A 180 5.32 16.17 4.12
CA VAL A 180 4.36 15.06 4.40
C VAL A 180 5.04 13.72 4.09
N SER A 181 4.77 12.68 4.90
CA SER A 181 5.45 11.37 4.80
C SER A 181 4.55 10.36 4.07
N TYR A 182 3.45 10.83 3.52
CA TYR A 182 2.39 9.93 3.01
C TYR A 182 2.38 9.92 1.47
N ILE A 183 3.39 10.55 0.90
CA ILE A 183 3.68 10.46 -0.56
C ILE A 183 4.39 9.12 -0.78
N CYS A 184 4.63 8.77 -2.05
CA CYS A 184 5.31 7.54 -2.57
C CYS A 184 4.37 6.33 -2.60
N SER A 185 4.52 5.44 -3.57
CA SER A 185 3.55 4.31 -3.71
C SER A 185 4.04 3.05 -3.00
N ARG A 186 3.12 2.31 -2.39
CA ARG A 186 3.50 1.07 -1.68
C ARG A 186 4.45 0.31 -2.58
N TYR A 187 5.48 -0.25 -1.97
CA TYR A 187 6.53 -1.09 -2.58
C TYR A 187 7.82 -0.33 -2.84
N TYR A 188 7.71 0.97 -3.07
CA TYR A 188 8.84 1.81 -3.56
C TYR A 188 9.18 2.85 -2.48
N ARG A 189 8.58 2.71 -1.29
CA ARG A 189 8.75 3.71 -0.19
C ARG A 189 10.04 3.36 0.55
N ALA A 190 10.89 4.38 0.76
CA ALA A 190 12.12 4.32 1.59
C ALA A 190 11.73 4.11 3.04
N PRO A 191 12.52 3.36 3.83
CA PRO A 191 12.15 3.10 5.23
C PRO A 191 11.89 4.36 6.06
N GLU A 192 12.53 5.50 5.76
CA GLU A 192 12.33 6.76 6.53
C GLU A 192 10.88 7.20 6.33
N LEU A 193 10.29 6.97 5.17
CA LEU A 193 8.88 7.40 4.95
C LEU A 193 7.92 6.45 5.69
N ILE A 194 8.23 5.14 5.73
CA ILE A 194 7.43 4.11 6.44
C ILE A 194 7.43 4.49 7.91
N PHE A 195 8.59 4.92 8.43
CA PHE A 195 8.79 5.38 9.83
C PHE A 195 8.21 6.78 10.05
N GLY A 196 7.62 7.41 9.05
CA GLY A 196 6.84 8.63 9.24
C GLY A 196 7.69 9.90 9.24
N ALA A 197 9.00 9.80 8.97
CA ALA A 197 9.96 10.93 9.01
C ALA A 197 9.46 12.07 8.12
N THR A 198 9.74 13.34 8.46
CA THR A 198 9.29 14.54 7.68
C THR A 198 10.44 15.49 7.33
N ASP A 199 11.67 15.05 7.63
CA ASP A 199 12.95 15.73 7.32
C ASP A 199 13.69 14.88 6.24
N TYR A 200 12.97 14.10 5.45
CA TYR A 200 13.57 13.21 4.41
C TYR A 200 14.15 14.16 3.34
N THR A 201 15.13 13.67 2.57
CA THR A 201 15.78 14.41 1.46
C THR A 201 15.51 13.68 0.15
N SER A 202 16.10 14.15 -0.94
CA SER A 202 15.93 13.53 -2.28
C SER A 202 16.36 12.05 -2.31
N SER A 203 17.08 11.56 -1.31
CA SER A 203 17.56 10.15 -1.27
C SER A 203 16.39 9.15 -1.29
N ILE A 204 15.14 9.63 -1.15
CA ILE A 204 13.94 8.73 -1.22
C ILE A 204 13.77 8.25 -2.68
N ASP A 205 13.99 9.17 -3.63
CA ASP A 205 14.00 8.90 -5.10
C ASP A 205 15.06 7.81 -5.38
N VAL A 206 16.19 7.85 -4.70
CA VAL A 206 17.26 6.84 -4.98
C VAL A 206 16.80 5.47 -4.49
N TRP A 207 16.20 5.40 -3.29
CA TRP A 207 15.68 4.12 -2.75
C TRP A 207 14.66 3.54 -3.76
N SER A 208 13.76 4.37 -4.25
CA SER A 208 12.65 3.95 -5.15
C SER A 208 13.27 3.36 -6.44
N ALA A 209 14.20 4.11 -7.01
CA ALA A 209 14.92 3.69 -8.23
C ALA A 209 15.48 2.30 -7.99
N GLY A 210 16.09 2.10 -6.83
CA GLY A 210 16.71 0.83 -6.44
C GLY A 210 15.71 -0.30 -6.38
N CYS A 211 14.47 0.02 -6.07
CA CYS A 211 13.38 -0.99 -6.01
C CYS A 211 13.02 -1.40 -7.43
N VAL A 212 13.05 -0.45 -8.38
CA VAL A 212 12.83 -0.74 -9.82
C VAL A 212 13.97 -1.61 -10.36
N LEU A 213 15.22 -1.20 -10.20
CA LEU A 213 16.36 -2.08 -10.54
C LEU A 213 16.08 -3.50 -10.03
N ALA A 214 15.91 -3.68 -8.72
CA ALA A 214 15.83 -5.02 -8.11
C ALA A 214 14.66 -5.80 -8.71
N GLU A 215 13.55 -5.11 -9.06
CA GLU A 215 12.28 -5.73 -9.55
C GLU A 215 12.47 -6.27 -10.97
N LEU A 216 13.06 -5.47 -11.88
CA LEU A 216 13.42 -5.89 -13.25
C LEU A 216 14.34 -7.10 -13.20
N LEU A 217 15.27 -7.15 -12.25
CA LEU A 217 16.18 -8.31 -12.13
C LEU A 217 15.42 -9.51 -11.56
N LEU A 218 14.59 -9.29 -10.56
CA LEU A 218 14.03 -10.43 -9.78
C LEU A 218 12.84 -11.02 -10.51
N GLY A 219 12.13 -10.19 -11.29
CA GLY A 219 10.92 -10.56 -12.05
C GLY A 219 9.66 -10.22 -11.29
N GLN A 220 9.80 -9.66 -10.09
CA GLN A 220 8.68 -9.39 -9.17
C GLN A 220 9.16 -8.38 -8.14
N PRO A 221 8.27 -7.60 -7.52
CA PRO A 221 8.70 -6.66 -6.48
C PRO A 221 9.53 -7.33 -5.36
N ILE A 222 10.47 -6.59 -4.78
CA ILE A 222 11.42 -7.14 -3.76
C ILE A 222 10.88 -6.94 -2.34
N PHE A 223 10.22 -5.80 -2.06
CA PHE A 223 9.67 -5.42 -0.73
C PHE A 223 8.18 -5.22 -0.97
N PRO A 224 7.39 -6.32 -1.01
CA PRO A 224 5.94 -6.23 -1.15
C PRO A 224 5.31 -6.40 0.24
N GLY A 225 4.04 -6.00 0.36
CA GLY A 225 3.20 -6.22 1.55
C GLY A 225 2.04 -5.25 1.60
N ASP A 226 0.93 -5.65 2.20
CA ASP A 226 -0.32 -4.84 2.24
C ASP A 226 -0.14 -3.71 3.25
N SER A 227 0.74 -3.87 4.25
CA SER A 227 0.92 -2.91 5.37
C SER A 227 2.37 -2.44 5.46
N GLY A 228 2.62 -1.25 6.02
CA GLY A 228 3.98 -0.82 6.39
C GLY A 228 4.76 -1.92 7.10
N VAL A 229 4.17 -2.58 8.12
CA VAL A 229 4.83 -3.66 8.92
C VAL A 229 5.29 -4.75 7.95
N ASP A 230 4.39 -5.28 7.12
CA ASP A 230 4.69 -6.43 6.20
C ASP A 230 5.90 -6.07 5.32
N GLN A 231 6.00 -4.80 4.89
CA GLN A 231 7.10 -4.26 4.04
C GLN A 231 8.41 -4.35 4.83
N LEU A 232 8.43 -3.75 6.02
CA LEU A 232 9.65 -3.67 6.87
C LEU A 232 10.18 -5.08 7.16
N VAL A 233 9.32 -6.07 7.20
CA VAL A 233 9.79 -7.47 7.40
C VAL A 233 10.51 -7.90 6.12
N GLU A 234 9.99 -7.56 4.94
CA GLU A 234 10.60 -8.04 3.67
C GLU A 234 11.95 -7.34 3.55
N ILE A 235 12.04 -6.10 4.06
CA ILE A 235 13.29 -5.26 3.99
C ILE A 235 14.36 -5.87 4.91
N ILE A 236 13.96 -6.27 6.11
CA ILE A 236 14.89 -6.84 7.13
C ILE A 236 15.33 -8.23 6.68
N LYS A 237 14.47 -9.02 6.05
CA LYS A 237 14.84 -10.38 5.57
C LYS A 237 16.00 -10.27 4.57
N VAL A 238 16.22 -9.08 4.00
CA VAL A 238 17.31 -8.84 3.01
C VAL A 238 18.45 -7.97 3.55
N LEU A 239 18.18 -6.85 4.22
CA LEU A 239 19.25 -5.91 4.65
C LEU A 239 19.81 -6.26 6.03
N GLY A 240 19.18 -7.18 6.77
CA GLY A 240 19.49 -7.43 8.19
C GLY A 240 18.88 -6.36 9.08
N THR A 241 19.03 -6.52 10.40
CA THR A 241 18.37 -5.65 11.41
C THR A 241 19.02 -4.27 11.43
N PRO A 242 18.22 -3.18 11.37
CA PRO A 242 18.75 -1.84 11.56
C PRO A 242 19.41 -1.66 12.94
N THR A 243 20.67 -1.21 12.96
CA THR A 243 21.41 -0.84 14.20
C THR A 243 20.81 0.48 14.71
N ARG A 244 20.95 0.75 16.00
CA ARG A 244 20.32 1.91 16.69
C ARG A 244 20.74 3.21 16.00
N GLU A 245 21.95 3.25 15.42
CA GLU A 245 22.50 4.41 14.68
C GLU A 245 21.79 4.54 13.32
N GLN A 246 21.55 3.41 12.65
CA GLN A 246 20.83 3.35 11.35
C GLN A 246 19.42 3.97 11.52
N ILE A 247 18.67 3.51 12.54
CA ILE A 247 17.31 4.00 12.95
C ILE A 247 17.36 5.51 13.30
N ARG A 248 18.47 5.96 13.89
CA ARG A 248 18.69 7.39 14.27
C ARG A 248 18.71 8.19 12.97
N GLU A 249 19.44 7.72 11.96
CA GLU A 249 19.65 8.44 10.67
C GLU A 249 18.33 8.46 9.84
N MET A 250 17.29 7.66 10.17
CA MET A 250 15.89 7.72 9.61
C MET A 250 14.83 8.29 10.59
N ASN A 251 14.76 7.77 11.83
CA ASN A 251 13.90 8.27 12.95
C ASN A 251 12.43 7.87 12.70
N PHE A 257 9.90 0.65 18.72
CA PHE A 257 11.27 0.30 18.25
C PHE A 257 11.63 -1.11 18.74
N LYS A 258 10.89 -2.13 18.28
CA LYS A 258 10.99 -3.57 18.71
C LYS A 258 10.96 -4.49 17.49
N PHE A 259 12.15 -4.72 16.89
CA PHE A 259 12.38 -5.40 15.58
C PHE A 259 12.89 -6.83 15.78
N PRO A 260 12.35 -7.83 15.04
CA PRO A 260 12.88 -9.19 15.10
C PRO A 260 14.36 -9.22 14.69
N GLN A 261 15.26 -9.68 15.58
CA GLN A 261 16.74 -9.78 15.34
C GLN A 261 17.02 -10.84 14.26
N ILE A 262 17.32 -10.43 13.02
CA ILE A 262 17.61 -11.32 11.86
C ILE A 262 18.91 -10.86 11.17
N LYS A 263 19.78 -11.82 10.82
CA LYS A 263 21.09 -11.61 10.14
C LYS A 263 20.87 -11.17 8.69
N ALA A 264 21.75 -10.28 8.17
CA ALA A 264 21.79 -9.81 6.76
C ALA A 264 21.93 -10.99 5.79
N HIS A 265 20.87 -11.32 5.04
CA HIS A 265 20.81 -12.41 4.01
C HIS A 265 21.70 -12.04 2.81
N PRO A 266 22.81 -12.77 2.55
CA PRO A 266 23.78 -12.36 1.53
C PRO A 266 23.03 -12.03 0.23
N TRP A 267 23.31 -10.84 -0.31
CA TRP A 267 22.70 -10.27 -1.52
C TRP A 267 22.76 -11.18 -2.76
N THR A 268 23.62 -12.21 -2.81
CA THR A 268 23.79 -13.08 -4.01
C THR A 268 22.79 -14.23 -3.97
N LYS A 269 22.28 -14.61 -2.79
CA LYS A 269 21.14 -15.57 -2.64
C LYS A 269 19.84 -14.95 -3.22
N VAL A 270 19.71 -13.62 -3.16
CA VAL A 270 18.49 -12.83 -3.48
C VAL A 270 18.13 -12.97 -4.96
N PHE A 271 19.13 -13.00 -5.85
CA PHE A 271 18.92 -12.95 -7.32
C PHE A 271 19.16 -14.33 -7.92
N ARG A 272 18.68 -14.58 -9.13
CA ARG A 272 18.84 -15.89 -9.81
C ARG A 272 20.34 -16.13 -10.06
N PRO A 273 20.75 -17.35 -10.44
CA PRO A 273 22.15 -17.74 -10.39
C PRO A 273 23.08 -16.83 -11.22
N ARG A 274 22.72 -16.55 -12.48
CA ARG A 274 23.67 -15.98 -13.48
C ARG A 274 23.55 -14.45 -13.53
N THR A 275 22.97 -13.80 -12.52
CA THR A 275 22.82 -12.32 -12.46
C THR A 275 24.20 -11.68 -12.40
N PRO A 276 24.48 -10.61 -13.18
CA PRO A 276 25.76 -9.91 -13.09
C PRO A 276 26.10 -9.47 -11.66
N PRO A 277 27.32 -9.77 -11.17
CA PRO A 277 27.76 -9.24 -9.88
C PRO A 277 27.53 -7.73 -9.72
N GLU A 278 27.72 -6.94 -10.78
CA GLU A 278 27.77 -5.47 -10.73
C GLU A 278 26.35 -4.93 -10.53
N ALA A 279 25.33 -5.66 -11.01
CA ALA A 279 23.90 -5.39 -10.77
C ALA A 279 23.61 -5.50 -9.26
N ILE A 280 24.08 -6.59 -8.66
CA ILE A 280 23.88 -6.91 -7.22
C ILE A 280 24.58 -5.86 -6.35
N ALA A 281 25.78 -5.44 -6.76
CA ALA A 281 26.59 -4.39 -6.12
C ALA A 281 25.81 -3.07 -6.13
N LEU A 282 25.30 -2.68 -7.29
CA LEU A 282 24.60 -1.37 -7.40
C LEU A 282 23.37 -1.39 -6.47
N CYS A 283 22.68 -2.52 -6.33
CA CYS A 283 21.49 -2.62 -5.45
C CYS A 283 21.89 -2.32 -4.02
N SER A 284 22.89 -3.04 -3.50
CA SER A 284 23.36 -2.94 -2.10
C SER A 284 23.74 -1.49 -1.76
N ARG A 285 23.96 -0.66 -2.79
CA ARG A 285 24.47 0.73 -2.67
C ARG A 285 23.33 1.75 -2.81
N LEU A 286 22.21 1.36 -3.41
CA LEU A 286 21.00 2.21 -3.52
C LEU A 286 20.10 1.93 -2.30
N LEU A 287 19.97 0.64 -1.92
CA LEU A 287 19.06 0.14 -0.85
C LEU A 287 19.83 0.00 0.47
N GLU A 288 20.12 1.17 1.07
CA GLU A 288 20.84 1.34 2.35
C GLU A 288 19.87 1.99 3.33
N TYR A 289 19.79 1.46 4.55
CA TYR A 289 19.00 2.07 5.65
C TYR A 289 19.35 3.56 5.75
N THR A 290 20.65 3.87 5.79
CA THR A 290 21.15 5.25 6.07
C THR A 290 20.98 6.12 4.83
N PRO A 291 20.06 7.11 4.83
CA PRO A 291 19.79 7.88 3.62
C PRO A 291 21.04 8.51 2.97
N THR A 292 21.92 9.07 3.77
CA THR A 292 23.17 9.76 3.31
C THR A 292 24.24 8.75 2.85
N ALA A 293 24.12 7.44 3.15
CA ALA A 293 25.04 6.38 2.67
C ALA A 293 24.68 5.84 1.26
N ARG A 294 23.64 6.41 0.65
CA ARG A 294 23.12 5.91 -0.65
C ARG A 294 23.84 6.71 -1.75
N LEU A 295 24.18 6.06 -2.86
CA LEU A 295 24.72 6.75 -4.06
C LEU A 295 23.80 7.92 -4.43
N THR A 296 24.36 9.01 -4.89
CA THR A 296 23.59 10.07 -5.58
C THR A 296 23.23 9.50 -6.94
N PRO A 297 22.22 10.11 -7.63
CA PRO A 297 21.91 9.73 -9.01
C PRO A 297 23.18 9.69 -9.89
N LEU A 298 23.91 10.80 -9.90
CA LEU A 298 25.09 10.99 -10.77
C LEU A 298 26.17 9.95 -10.45
N GLU A 299 26.28 9.52 -9.18
CA GLU A 299 27.29 8.51 -8.76
C GLU A 299 26.87 7.15 -9.32
N ALA A 300 25.56 6.90 -9.46
CA ALA A 300 25.01 5.61 -9.95
C ALA A 300 25.22 5.51 -11.46
N CYS A 301 24.86 6.56 -12.18
CA CYS A 301 25.23 6.68 -13.61
C CYS A 301 26.65 6.16 -13.82
N ALA A 302 27.58 6.51 -12.92
CA ALA A 302 29.01 6.18 -13.10
C ALA A 302 29.37 4.84 -12.45
N HIS A 303 28.41 4.02 -12.04
CA HIS A 303 28.70 2.68 -11.44
C HIS A 303 29.11 1.71 -12.57
N SER A 304 29.87 0.66 -12.22
CA SER A 304 30.52 -0.26 -13.18
C SER A 304 29.46 -1.10 -13.91
N PHE A 305 28.25 -1.18 -13.39
CA PHE A 305 27.12 -1.90 -14.02
C PHE A 305 26.80 -1.22 -15.35
N PHE A 306 26.95 0.10 -15.39
CA PHE A 306 26.72 0.90 -16.62
C PHE A 306 27.97 0.99 -17.54
N ASP A 307 29.02 0.20 -17.27
CA ASP A 307 30.28 0.29 -18.07
C ASP A 307 29.96 -0.10 -19.52
N GLU A 308 29.22 -1.20 -19.72
CA GLU A 308 28.87 -1.68 -21.08
C GLU A 308 28.23 -0.57 -21.92
N LEU A 309 27.59 0.45 -21.35
CA LEU A 309 26.88 1.48 -22.19
C LEU A 309 27.90 2.47 -22.78
N ARG A 310 29.10 2.51 -22.17
CA ARG A 310 30.16 3.52 -22.42
C ARG A 310 31.13 2.99 -23.48
N ASP A 311 31.10 1.67 -23.69
CA ASP A 311 31.74 0.90 -24.81
C ASP A 311 31.35 1.58 -26.13
N PRO A 312 32.32 1.96 -27.00
CA PRO A 312 31.99 2.69 -28.23
C PRO A 312 31.28 1.78 -29.23
N ASN A 313 31.47 0.46 -29.09
CA ASN A 313 30.87 -0.60 -29.93
C ASN A 313 29.40 -0.86 -29.62
N VAL A 314 28.89 -0.45 -28.47
CA VAL A 314 27.57 -0.89 -27.94
C VAL A 314 26.47 -0.60 -28.97
N LYS A 315 25.69 -1.65 -29.25
CA LYS A 315 24.48 -1.59 -30.13
C LYS A 315 23.29 -2.16 -29.35
N LEU A 316 22.09 -1.63 -29.59
CA LEU A 316 20.81 -2.33 -29.26
C LEU A 316 20.78 -3.66 -29.98
N PRO A 317 20.06 -4.68 -29.47
CA PRO A 317 19.85 -5.94 -30.19
C PRO A 317 19.34 -5.85 -31.65
N ASN A 318 18.46 -4.88 -31.95
CA ASN A 318 17.91 -4.68 -33.31
C ASN A 318 18.96 -4.07 -34.25
N GLY A 319 20.20 -3.85 -33.79
CA GLY A 319 21.31 -3.28 -34.59
C GLY A 319 21.37 -1.75 -34.54
N ARG A 320 20.32 -1.06 -34.06
CA ARG A 320 20.25 0.43 -33.98
C ARG A 320 21.26 1.00 -32.97
N ASP A 321 21.54 2.30 -33.10
CA ASP A 321 22.35 3.09 -32.13
C ASP A 321 21.64 3.12 -30.77
N THR A 322 22.38 3.21 -29.67
CA THR A 322 21.83 3.60 -28.35
C THR A 322 21.46 5.07 -28.47
N PRO A 323 20.58 5.59 -27.58
CA PRO A 323 20.25 7.01 -27.61
C PRO A 323 21.35 7.79 -26.91
N ALA A 324 21.15 9.10 -26.83
CA ALA A 324 22.09 10.09 -26.23
C ALA A 324 22.24 9.78 -24.73
N LEU A 325 23.45 9.39 -24.31
CA LEU A 325 23.74 9.00 -22.91
C LEU A 325 24.77 9.91 -22.26
N PHE A 326 25.43 10.77 -23.03
CA PHE A 326 26.69 11.44 -22.61
C PHE A 326 26.59 12.96 -22.77
N ASN A 327 25.53 13.51 -23.34
CA ASN A 327 25.42 14.97 -23.60
C ASN A 327 25.04 15.60 -22.24
N PHE A 328 25.95 15.70 -21.28
CA PHE A 328 25.62 16.17 -19.91
C PHE A 328 25.73 17.71 -19.99
N THR A 329 24.79 18.45 -19.39
CA THR A 329 24.93 19.91 -19.16
C THR A 329 25.71 20.17 -17.87
N THR A 330 26.05 21.44 -17.64
CA THR A 330 26.76 21.90 -16.42
C THR A 330 25.78 21.69 -15.27
N GLN A 331 24.55 22.16 -15.51
CA GLN A 331 23.37 22.04 -14.62
C GLN A 331 23.31 20.59 -14.08
N GLU A 332 23.37 19.58 -14.95
CA GLU A 332 23.29 18.12 -14.62
C GLU A 332 24.45 17.64 -13.73
N LEU A 333 25.67 18.19 -13.89
CA LEU A 333 26.94 17.68 -13.25
C LEU A 333 27.31 18.45 -11.96
N SER A 334 26.64 19.58 -11.66
CA SER A 334 26.90 20.43 -10.47
C SER A 334 26.89 19.62 -9.16
N SER A 335 26.14 18.53 -9.10
CA SER A 335 26.24 17.68 -7.90
C SER A 335 27.72 17.32 -7.68
N ASN A 336 28.47 17.08 -8.77
CA ASN A 336 29.88 16.64 -8.67
C ASN A 336 30.55 16.73 -10.04
N PRO A 337 31.05 17.90 -10.47
CA PRO A 337 31.70 18.06 -11.78
C PRO A 337 32.82 17.08 -12.13
N PRO A 338 33.79 16.78 -11.23
CA PRO A 338 34.83 15.79 -11.49
C PRO A 338 34.32 14.45 -12.04
N LEU A 339 33.07 14.10 -11.77
CA LEU A 339 32.49 12.81 -12.26
C LEU A 339 32.45 12.77 -13.79
N ALA A 340 32.49 13.92 -14.48
CA ALA A 340 32.48 13.99 -15.95
C ALA A 340 33.53 13.03 -16.54
N THR A 341 34.62 12.77 -15.80
CA THR A 341 35.81 12.00 -16.28
C THR A 341 35.51 10.50 -16.35
N ILE A 342 34.47 10.01 -15.67
CA ILE A 342 33.93 8.63 -15.90
C ILE A 342 32.68 8.69 -16.79
N LEU A 343 31.87 9.74 -16.66
CA LEU A 343 30.51 9.74 -17.22
C LEU A 343 30.60 9.88 -18.74
N ILE A 344 31.48 10.77 -19.21
CA ILE A 344 31.70 11.07 -20.66
C ILE A 344 32.89 10.24 -21.13
N PRO A 345 32.72 9.11 -21.87
CA PRO A 345 33.86 8.24 -22.16
C PRO A 345 34.72 8.91 -23.23
N PRO A 346 35.98 8.45 -23.42
CA PRO A 346 36.90 9.11 -24.37
C PRO A 346 36.27 9.37 -25.74
N HIS A 347 35.62 8.34 -26.32
CA HIS A 347 35.05 8.34 -27.69
C HIS A 347 33.94 9.37 -27.87
N ALA A 348 33.43 9.96 -26.79
CA ALA A 348 32.36 10.98 -26.86
C ALA A 348 32.97 12.38 -26.85
N ARG A 349 34.29 12.47 -26.68
CA ARG A 349 35.03 13.77 -26.65
C ARG A 349 35.56 14.10 -28.06
N ILE A 350 35.98 13.09 -28.83
CA ILE A 350 36.42 13.19 -30.26
C ILE A 350 35.69 14.34 -30.99
N GLN A 351 36.43 15.29 -31.58
CA GLN A 351 35.91 16.29 -32.57
C GLN A 351 36.29 15.87 -34.00
N SER B 1 -1.19 -42.50 6.30
CA SER B 1 -0.41 -41.22 6.19
C SER B 1 0.54 -41.09 7.39
N LYS B 2 1.33 -40.02 7.43
CA LYS B 2 2.34 -39.73 8.48
C LYS B 2 1.65 -39.10 9.70
N VAL B 3 2.15 -39.40 10.92
CA VAL B 3 1.68 -38.78 12.20
C VAL B 3 2.83 -38.05 12.90
N THR B 4 2.56 -36.82 13.34
CA THR B 4 3.40 -35.98 14.22
C THR B 4 2.80 -36.03 15.63
N THR B 5 3.65 -36.21 16.66
CA THR B 5 3.24 -36.11 18.10
C THR B 5 4.10 -35.03 18.78
N VAL B 6 3.47 -34.03 19.38
CA VAL B 6 4.15 -32.92 20.09
C VAL B 6 3.62 -32.89 21.51
N VAL B 7 4.34 -32.22 22.41
CA VAL B 7 3.84 -31.97 23.78
C VAL B 7 3.45 -30.51 23.81
N ALA B 8 2.14 -30.24 23.79
CA ALA B 8 1.61 -28.87 23.59
C ALA B 8 0.82 -28.39 24.80
N THR B 9 0.84 -27.09 25.02
CA THR B 9 0.21 -26.35 26.12
C THR B 9 -1.15 -25.82 25.70
N PRO B 10 -2.25 -26.13 26.42
CA PRO B 10 -3.55 -25.52 26.14
C PRO B 10 -3.58 -23.99 26.31
N GLY B 11 -4.39 -23.30 25.50
CA GLY B 11 -4.37 -21.83 25.40
C GLY B 11 -5.08 -21.16 26.56
N GLN B 12 -6.16 -21.79 27.05
CA GLN B 12 -7.05 -21.22 28.09
C GLN B 12 -6.60 -21.72 29.46
N GLY B 13 -6.18 -22.97 29.55
CA GLY B 13 -5.90 -23.52 30.89
C GLY B 13 -4.66 -22.97 31.54
N PRO B 14 -4.35 -23.45 32.76
CA PRO B 14 -3.10 -23.12 33.44
C PRO B 14 -2.04 -23.99 32.76
N ASP B 15 -0.81 -23.51 32.75
CA ASP B 15 0.31 -24.14 31.98
C ASP B 15 0.44 -25.65 32.19
N ARG B 16 -0.52 -26.48 31.76
CA ARG B 16 -0.34 -27.97 31.90
C ARG B 16 -0.28 -28.74 30.57
N PRO B 17 0.92 -28.92 29.96
CA PRO B 17 1.03 -29.56 28.66
C PRO B 17 0.61 -31.03 28.58
N GLN B 18 0.13 -31.47 27.41
CA GLN B 18 -0.31 -32.87 27.13
C GLN B 18 0.18 -33.28 25.75
N GLU B 19 0.14 -34.58 25.48
CA GLU B 19 0.59 -35.16 24.21
C GLU B 19 -0.57 -34.93 23.24
N VAL B 20 -0.36 -34.08 22.22
CA VAL B 20 -1.28 -33.86 21.07
C VAL B 20 -0.65 -34.52 19.84
N SER B 21 -1.36 -35.44 19.18
CA SER B 21 -0.98 -36.09 17.89
C SER B 21 -1.88 -35.62 16.74
N TYR B 22 -1.30 -35.40 15.56
CA TYR B 22 -2.01 -34.82 14.38
C TYR B 22 -1.44 -35.35 13.06
N THR B 23 -2.21 -35.20 12.00
CA THR B 23 -1.90 -35.81 10.68
C THR B 23 -2.46 -34.94 9.53
N ASP B 24 -2.29 -35.42 8.30
CA ASP B 24 -2.82 -34.85 7.03
C ASP B 24 -2.38 -33.39 6.92
N THR B 25 -1.10 -33.14 7.17
CA THR B 25 -0.52 -31.79 7.26
C THR B 25 -0.40 -31.23 5.86
N LYS B 26 -0.79 -29.97 5.60
CA LYS B 26 -0.56 -29.29 4.29
C LYS B 26 -0.45 -27.79 4.46
N VAL B 27 0.38 -27.14 3.64
CA VAL B 27 0.49 -25.66 3.61
C VAL B 27 -0.80 -25.05 3.07
N ILE B 28 -1.19 -23.89 3.59
CA ILE B 28 -2.38 -23.12 3.12
C ILE B 28 -1.97 -21.65 2.98
N GLY B 29 -0.86 -21.20 3.57
CA GLY B 29 -0.60 -19.77 3.83
C GLY B 29 0.87 -19.43 3.96
N ASN B 30 1.24 -18.24 3.46
CA ASN B 30 2.61 -17.66 3.48
C ASN B 30 2.46 -16.16 3.73
N GLY B 31 3.56 -15.47 4.03
CA GLY B 31 3.57 -14.01 4.23
C GLY B 31 4.64 -13.64 5.23
N SER B 32 4.83 -12.35 5.49
CA SER B 32 5.74 -11.82 6.54
C SER B 32 5.74 -12.67 7.84
N PHE B 33 4.57 -12.84 8.47
CA PHE B 33 4.41 -13.58 9.75
C PHE B 33 5.16 -14.92 9.70
N GLY B 34 4.95 -15.71 8.65
CA GLY B 34 5.47 -17.10 8.54
C GLY B 34 4.52 -17.95 7.73
N VAL B 35 4.33 -19.22 8.10
CA VAL B 35 3.50 -20.22 7.37
C VAL B 35 2.27 -20.59 8.20
N VAL B 36 1.19 -21.05 7.56
CA VAL B 36 -0.02 -21.67 8.20
C VAL B 36 -0.23 -23.05 7.57
N TYR B 37 -0.27 -24.09 8.38
CA TYR B 37 -0.53 -25.49 7.96
C TYR B 37 -1.96 -25.78 8.36
N GLN B 38 -2.58 -26.73 7.69
CA GLN B 38 -3.87 -27.32 8.13
C GLN B 38 -3.55 -28.74 8.55
N ALA B 39 -4.26 -29.27 9.53
CA ALA B 39 -4.05 -30.66 10.00
C ALA B 39 -5.34 -31.13 10.65
N LYS B 40 -5.43 -32.44 10.83
CA LYS B 40 -6.53 -33.12 11.54
C LYS B 40 -5.97 -33.70 12.83
N LEU B 41 -6.60 -33.42 13.97
CA LEU B 41 -6.20 -34.05 15.25
C LEU B 41 -6.57 -35.54 15.21
N CYS B 42 -5.66 -36.44 15.63
CA CYS B 42 -5.86 -37.91 15.56
C CYS B 42 -6.99 -38.34 16.51
N ASP B 43 -7.03 -37.82 17.75
CA ASP B 43 -8.06 -38.21 18.74
C ASP B 43 -9.43 -37.80 18.19
N SER B 44 -9.71 -36.50 18.11
CA SER B 44 -11.04 -35.90 17.84
C SER B 44 -11.38 -36.00 16.35
N GLY B 45 -10.40 -35.97 15.45
CA GLY B 45 -10.65 -35.85 14.01
C GLY B 45 -11.01 -34.43 13.59
N GLU B 46 -11.10 -33.48 14.53
CA GLU B 46 -11.34 -32.04 14.20
C GLU B 46 -10.15 -31.46 13.40
N LEU B 47 -10.43 -30.54 12.50
CA LEU B 47 -9.38 -29.89 11.70
C LEU B 47 -8.90 -28.64 12.44
N VAL B 48 -7.59 -28.39 12.39
CA VAL B 48 -6.91 -27.27 13.07
C VAL B 48 -6.04 -26.56 12.05
N ALA B 49 -5.85 -25.26 12.23
CA ALA B 49 -4.85 -24.47 11.51
C ALA B 49 -3.68 -24.17 12.47
N ILE B 50 -2.43 -24.40 12.03
CA ILE B 50 -1.19 -24.19 12.85
C ILE B 50 -0.40 -23.04 12.20
N LYS B 51 -0.43 -21.85 12.81
CA LYS B 51 0.40 -20.66 12.45
C LYS B 51 1.78 -20.79 13.13
N LYS B 52 2.81 -21.09 12.32
CA LYS B 52 4.24 -21.26 12.72
C LYS B 52 4.97 -19.94 12.53
N VAL B 53 5.53 -19.37 13.58
CA VAL B 53 6.20 -18.05 13.59
C VAL B 53 7.62 -18.28 14.16
N LEU B 54 8.55 -17.37 13.91
CA LEU B 54 9.91 -17.39 14.52
C LEU B 54 9.86 -16.69 15.88
N GLN B 55 10.51 -17.25 16.92
CA GLN B 55 10.46 -16.74 18.32
C GLN B 55 11.75 -15.97 18.67
N ASP B 56 11.61 -14.80 19.29
CA ASP B 56 12.76 -13.92 19.64
C ASP B 56 13.61 -14.76 20.60
N LYS B 57 13.05 -15.28 21.69
CA LYS B 57 13.82 -16.07 22.68
C LYS B 57 14.26 -14.94 23.63
N ARG B 58 14.52 -13.76 23.08
CA ARG B 58 14.97 -12.55 23.85
C ARG B 58 13.76 -12.02 24.65
N PHE B 59 12.66 -11.66 23.97
CA PHE B 59 11.39 -11.14 24.55
C PHE B 59 10.41 -12.31 24.32
N LYS B 60 9.28 -12.30 25.04
CA LYS B 60 8.14 -13.26 24.90
C LYS B 60 7.18 -12.73 23.82
N ASN B 61 6.47 -13.64 23.13
CA ASN B 61 5.63 -13.36 21.93
C ASN B 61 4.33 -12.63 22.33
N ARG B 62 4.11 -11.42 21.79
CA ARG B 62 2.97 -10.57 22.19
C ARG B 62 1.65 -11.15 21.66
N GLU B 63 1.64 -11.69 20.43
CA GLU B 63 0.50 -12.43 19.85
C GLU B 63 0.12 -13.49 20.87
N LEU B 64 1.05 -14.37 21.27
CA LEU B 64 0.72 -15.50 22.20
C LEU B 64 0.13 -14.94 23.49
N GLN B 65 0.68 -13.87 24.05
CA GLN B 65 0.29 -13.39 25.40
C GLN B 65 -1.13 -12.86 25.28
N ILE B 66 -1.45 -12.17 24.19
CA ILE B 66 -2.79 -11.55 23.97
C ILE B 66 -3.83 -12.65 23.74
N MET B 67 -3.47 -13.71 23.04
CA MET B 67 -4.44 -14.74 22.62
C MET B 67 -4.79 -15.63 23.80
N ARG B 68 -3.86 -15.84 24.72
CA ARG B 68 -4.12 -16.60 25.97
C ARG B 68 -5.21 -15.88 26.78
N LYS B 69 -5.28 -14.56 26.74
CA LYS B 69 -6.29 -13.74 27.47
C LYS B 69 -7.68 -13.80 26.83
N LEU B 70 -7.83 -14.20 25.57
CA LEU B 70 -9.08 -13.95 24.79
C LEU B 70 -9.97 -15.20 24.78
N ASP B 71 -11.27 -15.01 25.04
CA ASP B 71 -12.31 -16.09 24.96
C ASP B 71 -13.55 -15.32 24.51
N HIS B 72 -13.96 -15.54 23.24
CA HIS B 72 -15.13 -14.89 22.59
C HIS B 72 -15.58 -15.73 21.39
N CYS B 73 -16.89 -15.90 21.21
CA CYS B 73 -17.49 -16.77 20.17
C CYS B 73 -17.14 -16.22 18.76
N ASN B 74 -16.85 -14.91 18.64
CA ASN B 74 -16.49 -14.21 17.38
C ASN B 74 -14.99 -13.87 17.31
N ILE B 75 -14.12 -14.73 17.85
CA ILE B 75 -12.63 -14.65 17.76
C ILE B 75 -12.06 -16.06 17.69
N VAL B 76 -11.17 -16.35 16.74
CA VAL B 76 -10.64 -17.73 16.55
C VAL B 76 -9.98 -18.21 17.87
N ARG B 77 -10.27 -19.46 18.25
CA ARG B 77 -9.77 -20.07 19.51
C ARG B 77 -8.33 -20.56 19.30
N LEU B 78 -7.47 -20.33 20.29
CA LEU B 78 -6.16 -21.00 20.44
C LEU B 78 -6.37 -22.28 21.25
N ARG B 79 -6.21 -23.43 20.63
CA ARG B 79 -6.44 -24.73 21.28
C ARG B 79 -5.19 -25.10 22.07
N TYR B 80 -4.04 -25.12 21.41
CA TYR B 80 -2.73 -25.40 22.00
C TYR B 80 -1.66 -24.45 21.41
N PHE B 81 -0.44 -24.53 21.95
CA PHE B 81 0.79 -23.95 21.37
C PHE B 81 1.97 -24.79 21.81
N PHE B 82 2.98 -24.85 20.94
CA PHE B 82 4.20 -25.67 21.12
C PHE B 82 5.33 -25.04 20.31
N TYR B 83 6.56 -25.28 20.76
CA TYR B 83 7.81 -24.81 20.11
C TYR B 83 8.41 -25.98 19.33
N SER B 84 9.03 -25.69 18.18
CA SER B 84 9.74 -26.67 17.30
C SER B 84 10.95 -25.95 16.73
N SER B 85 12.01 -26.68 16.41
CA SER B 85 13.21 -26.00 15.86
C SER B 85 13.39 -26.46 14.42
N GLY B 86 12.86 -27.64 14.11
CA GLY B 86 13.00 -28.20 12.76
C GLY B 86 14.46 -28.30 12.35
N GLU B 87 14.94 -27.33 11.56
CA GLU B 87 16.35 -27.39 11.09
C GLU B 87 16.90 -26.00 10.75
N LYS B 88 16.57 -24.99 11.56
CA LYS B 88 17.14 -23.63 11.33
C LYS B 88 18.35 -23.46 12.25
N LYS B 89 19.15 -22.41 12.05
CA LYS B 89 20.29 -22.28 12.99
C LYS B 89 19.87 -22.33 14.44
N ASP B 90 19.67 -23.52 15.01
CA ASP B 90 19.26 -23.50 16.43
C ASP B 90 18.22 -22.36 16.47
N GLU B 91 17.48 -22.20 15.38
CA GLU B 91 16.40 -21.19 15.32
C GLU B 91 15.18 -21.84 15.95
N VAL B 92 14.44 -21.10 16.77
CA VAL B 92 13.24 -21.69 17.44
C VAL B 92 11.95 -21.04 16.88
N TYR B 93 10.96 -21.88 16.54
CA TYR B 93 9.62 -21.50 16.02
C TYR B 93 8.51 -21.76 17.06
N LEU B 94 7.63 -20.77 17.27
CA LEU B 94 6.37 -20.86 18.06
C LEU B 94 5.22 -21.23 17.11
N ASN B 95 4.59 -22.39 17.32
CA ASN B 95 3.41 -22.92 16.59
C ASN B 95 2.16 -22.63 17.42
N LEU B 96 1.22 -21.82 16.89
CA LEU B 96 -0.12 -21.56 17.46
C LEU B 96 -1.13 -22.53 16.84
N VAL B 97 -1.67 -23.51 17.58
CA VAL B 97 -2.73 -24.42 17.06
C VAL B 97 -4.12 -23.77 17.26
N LEU B 98 -4.69 -23.26 16.17
CA LEU B 98 -5.99 -22.54 16.15
C LEU B 98 -7.07 -23.40 15.51
N ASP B 99 -8.33 -22.98 15.67
CA ASP B 99 -9.52 -23.64 15.04
C ASP B 99 -9.35 -23.49 13.52
N TYR B 100 -9.62 -24.55 12.74
CA TYR B 100 -9.82 -24.40 11.28
C TYR B 100 -11.25 -23.87 11.02
N VAL B 101 -11.35 -22.91 10.14
CA VAL B 101 -12.61 -22.23 9.73
C VAL B 101 -12.63 -22.18 8.19
N PRO B 102 -13.63 -22.77 7.50
CA PRO B 102 -13.48 -23.15 6.09
C PRO B 102 -13.64 -22.04 5.05
N GLU B 103 -13.88 -20.79 5.44
CA GLU B 103 -13.99 -19.63 4.51
C GLU B 103 -13.49 -18.33 5.14
N THR B 104 -13.42 -17.29 4.33
CA THR B 104 -13.05 -15.92 4.75
C THR B 104 -13.94 -14.93 4.03
N VAL B 105 -14.15 -13.75 4.61
CA VAL B 105 -15.06 -12.73 4.03
C VAL B 105 -14.41 -12.23 2.73
N TYR B 106 -13.09 -12.32 2.61
CA TYR B 106 -12.36 -11.87 1.40
C TYR B 106 -12.85 -12.73 0.24
N ARG B 107 -12.72 -14.05 0.41
CA ARG B 107 -13.05 -15.07 -0.61
C ARG B 107 -14.51 -14.97 -1.02
N VAL B 108 -15.41 -14.81 -0.06
CA VAL B 108 -16.87 -14.72 -0.28
C VAL B 108 -17.20 -13.42 -1.02
N ALA B 109 -16.77 -12.25 -0.53
CA ALA B 109 -17.00 -10.93 -1.17
C ALA B 109 -16.60 -11.01 -2.65
N ARG B 110 -15.48 -11.69 -2.95
CA ARG B 110 -14.87 -11.76 -4.31
C ARG B 110 -15.69 -12.71 -5.20
N HIS B 111 -16.24 -13.82 -4.69
CA HIS B 111 -17.23 -14.67 -5.42
C HIS B 111 -18.43 -13.84 -5.90
N TYR B 112 -19.03 -13.03 -5.02
CA TYR B 112 -20.17 -12.16 -5.39
C TYR B 112 -19.70 -11.03 -6.34
N SER B 113 -18.45 -10.61 -6.23
CA SER B 113 -17.91 -9.45 -7.00
C SER B 113 -17.70 -9.86 -8.47
N ARG B 114 -17.07 -11.02 -8.65
CA ARG B 114 -16.80 -11.57 -10.00
C ARG B 114 -17.96 -12.52 -10.32
N ALA B 115 -19.15 -11.94 -10.39
CA ALA B 115 -20.45 -12.57 -10.69
C ALA B 115 -21.43 -11.42 -10.76
N LYS B 116 -20.87 -10.22 -10.57
CA LYS B 116 -21.58 -8.91 -10.60
C LYS B 116 -22.85 -8.96 -9.73
N GLN B 117 -23.03 -9.98 -8.88
CA GLN B 117 -24.04 -10.02 -7.77
C GLN B 117 -23.61 -9.06 -6.66
N THR B 118 -24.53 -8.73 -5.76
CA THR B 118 -24.16 -8.08 -4.48
C THR B 118 -24.52 -9.03 -3.34
N LEU B 119 -23.63 -9.16 -2.35
CA LEU B 119 -23.84 -9.98 -1.15
C LEU B 119 -25.16 -9.57 -0.51
N PRO B 120 -26.13 -10.52 -0.37
CA PRO B 120 -27.45 -10.23 0.19
C PRO B 120 -27.31 -9.50 1.53
N VAL B 121 -28.03 -8.38 1.72
CA VAL B 121 -27.89 -7.48 2.89
C VAL B 121 -27.95 -8.28 4.21
N ILE B 122 -28.52 -9.48 4.24
CA ILE B 122 -28.75 -10.20 5.52
C ILE B 122 -27.37 -10.63 6.03
N TYR B 123 -26.58 -11.23 5.17
CA TYR B 123 -25.19 -11.67 5.50
C TYR B 123 -24.36 -10.46 5.97
N VAL B 124 -24.57 -9.29 5.35
CA VAL B 124 -23.80 -8.03 5.58
C VAL B 124 -24.05 -7.66 7.02
N LYS B 125 -25.32 -7.74 7.42
CA LYS B 125 -25.80 -7.60 8.82
C LYS B 125 -25.14 -8.65 9.73
N LEU B 126 -25.32 -9.94 9.47
CA LEU B 126 -24.73 -11.01 10.34
C LEU B 126 -23.22 -10.80 10.55
N TYR B 127 -22.47 -10.48 9.49
CA TYR B 127 -20.98 -10.45 9.53
C TYR B 127 -20.53 -9.14 10.21
N MET B 128 -21.17 -8.01 9.94
CA MET B 128 -20.68 -6.73 10.50
C MET B 128 -21.04 -6.66 12.00
N TYR B 129 -22.12 -7.26 12.42
CA TYR B 129 -22.54 -7.30 13.85
C TYR B 129 -21.51 -8.12 14.64
N GLN B 130 -21.11 -9.30 14.15
CA GLN B 130 -20.17 -10.22 14.86
C GLN B 130 -18.77 -9.61 14.88
N LEU B 131 -18.42 -8.83 13.88
CA LEU B 131 -17.14 -8.08 13.91
C LEU B 131 -17.18 -7.03 15.03
N PHE B 132 -18.21 -6.19 15.05
CA PHE B 132 -18.35 -5.11 16.05
C PHE B 132 -18.36 -5.75 17.46
N ARG B 133 -18.91 -6.94 17.63
CA ARG B 133 -18.93 -7.58 18.96
C ARG B 133 -17.49 -7.89 19.32
N SER B 134 -16.76 -8.55 18.43
CA SER B 134 -15.35 -8.95 18.65
C SER B 134 -14.48 -7.71 18.99
N LEU B 135 -14.78 -6.52 18.43
CA LEU B 135 -14.05 -5.25 18.74
C LEU B 135 -14.48 -4.74 20.12
N ALA B 136 -15.78 -4.67 20.41
CA ALA B 136 -16.34 -4.31 21.75
C ALA B 136 -15.56 -5.03 22.84
N TYR B 137 -15.40 -6.35 22.70
CA TYR B 137 -14.68 -7.25 23.63
C TYR B 137 -13.22 -6.83 23.74
N ILE B 138 -12.44 -6.92 22.67
CA ILE B 138 -10.98 -6.65 22.76
C ILE B 138 -10.73 -5.18 23.15
N HIS B 139 -11.61 -4.24 22.81
CA HIS B 139 -11.46 -2.80 23.19
C HIS B 139 -11.66 -2.63 24.69
N SER B 140 -12.52 -3.45 25.28
CA SER B 140 -12.79 -3.49 26.74
C SER B 140 -11.51 -3.78 27.54
N PHE B 141 -10.60 -4.65 27.05
CA PHE B 141 -9.26 -4.88 27.64
C PHE B 141 -8.24 -3.80 27.19
N GLY B 142 -8.67 -2.73 26.48
CA GLY B 142 -7.81 -1.69 25.88
C GLY B 142 -6.92 -2.16 24.71
N ILE B 143 -7.14 -3.38 24.18
CA ILE B 143 -6.40 -4.01 23.04
C ILE B 143 -6.98 -3.53 21.70
N CYS B 144 -6.15 -2.93 20.85
CA CYS B 144 -6.47 -2.52 19.46
C CYS B 144 -5.96 -3.59 18.49
N HIS B 145 -6.75 -3.96 17.49
CA HIS B 145 -6.39 -5.02 16.52
C HIS B 145 -5.37 -4.45 15.53
N ARG B 146 -5.66 -3.28 14.95
CA ARG B 146 -4.78 -2.47 14.06
C ARG B 146 -4.59 -3.10 12.64
N ASP B 147 -5.25 -4.20 12.32
CA ASP B 147 -5.15 -4.85 10.98
C ASP B 147 -6.47 -5.25 10.30
N ILE B 148 -7.55 -4.62 10.77
CA ILE B 148 -8.96 -5.02 10.47
C ILE B 148 -9.08 -4.90 8.97
N LYS B 149 -9.38 -6.02 8.32
CA LYS B 149 -9.58 -6.12 6.86
C LYS B 149 -10.23 -7.45 6.54
N PRO B 150 -10.85 -7.58 5.34
CA PRO B 150 -11.57 -8.79 4.95
C PRO B 150 -10.85 -10.12 5.10
N GLN B 151 -9.53 -10.16 4.85
CA GLN B 151 -8.74 -11.42 4.77
C GLN B 151 -8.67 -12.05 6.17
N ASN B 152 -8.87 -11.20 7.18
CA ASN B 152 -8.69 -11.50 8.62
C ASN B 152 -10.05 -11.79 9.29
N LEU B 153 -11.15 -11.88 8.54
CA LEU B 153 -12.50 -12.26 9.04
C LEU B 153 -12.89 -13.65 8.54
N LEU B 154 -12.64 -14.71 9.32
CA LEU B 154 -12.98 -16.13 9.00
C LEU B 154 -14.49 -16.32 9.06
N LEU B 155 -15.09 -17.17 8.21
CA LEU B 155 -16.54 -17.52 8.19
C LEU B 155 -16.72 -19.01 8.26
N ASP B 156 -17.73 -19.46 8.98
CA ASP B 156 -18.33 -20.79 8.70
C ASP B 156 -19.60 -20.52 7.91
N PRO B 157 -19.63 -20.94 6.63
CA PRO B 157 -20.71 -20.59 5.72
C PRO B 157 -22.05 -21.28 6.12
N ASP B 158 -21.97 -22.41 6.82
CA ASP B 158 -23.13 -23.21 7.27
C ASP B 158 -23.76 -22.51 8.48
N THR B 159 -22.98 -22.00 9.44
CA THR B 159 -23.54 -21.48 10.71
C THR B 159 -23.66 -19.94 10.65
N ALA B 160 -23.05 -19.31 9.66
CA ALA B 160 -22.97 -17.84 9.51
C ALA B 160 -22.11 -17.21 10.61
N VAL B 161 -21.29 -18.02 11.26
CA VAL B 161 -20.43 -17.53 12.37
C VAL B 161 -19.20 -16.87 11.76
N LEU B 162 -18.94 -15.63 12.14
CA LEU B 162 -17.68 -14.90 11.81
C LEU B 162 -16.76 -15.02 13.00
N LYS B 163 -15.46 -15.21 12.77
CA LYS B 163 -14.38 -15.31 13.79
C LYS B 163 -13.19 -14.42 13.37
N LEU B 164 -12.94 -13.30 14.07
CA LEU B 164 -11.73 -12.44 13.90
C LEU B 164 -10.45 -13.24 14.15
N CYS B 165 -9.47 -13.13 13.24
CA CYS B 165 -8.13 -13.81 13.39
C CYS B 165 -7.03 -12.77 13.14
N ASP B 166 -5.77 -13.24 13.16
CA ASP B 166 -4.52 -12.43 13.01
C ASP B 166 -4.11 -11.33 14.01
N PHE B 167 -3.96 -11.70 15.29
CA PHE B 167 -3.51 -10.75 16.34
C PHE B 167 -2.06 -10.26 16.35
N GLY B 168 -1.31 -10.50 15.26
CA GLY B 168 0.14 -10.23 15.12
C GLY B 168 0.47 -8.74 15.15
N SER B 169 -0.49 -7.83 14.97
CA SER B 169 -0.28 -6.36 15.05
C SER B 169 -0.99 -5.79 16.29
N ALA B 170 -1.74 -6.65 17.02
CA ALA B 170 -2.62 -6.25 18.15
C ALA B 170 -1.71 -5.75 19.25
N LYS B 171 -2.12 -4.70 19.95
CA LYS B 171 -1.38 -4.10 21.11
C LYS B 171 -2.31 -3.30 22.03
N GLN B 172 -2.09 -3.39 23.34
CA GLN B 172 -2.82 -2.57 24.34
C GLN B 172 -2.43 -1.09 24.20
N LEU B 173 -3.37 -0.18 24.00
CA LEU B 173 -3.02 1.24 23.74
C LEU B 173 -3.18 2.03 25.03
N VAL B 174 -2.07 2.43 25.65
CA VAL B 174 -2.07 3.27 26.88
C VAL B 174 -2.03 4.74 26.48
N ARG B 175 -3.06 5.50 26.87
CA ARG B 175 -3.14 6.97 26.63
C ARG B 175 -1.84 7.61 27.10
N GLY B 176 -1.16 8.37 26.24
CA GLY B 176 0.11 9.03 26.58
C GLY B 176 1.33 8.29 26.07
N GLU B 177 1.31 6.96 26.03
CA GLU B 177 2.39 6.20 25.33
C GLU B 177 2.14 6.31 23.82
N PRO B 178 3.19 6.54 23.00
CA PRO B 178 3.02 6.60 21.55
C PRO B 178 3.05 5.22 20.88
N ASN B 179 2.53 5.13 19.66
CA ASN B 179 2.54 3.86 18.89
C ASN B 179 2.82 4.16 17.42
N VAL B 180 3.40 3.16 16.74
CA VAL B 180 3.88 3.21 15.33
C VAL B 180 2.68 3.46 14.41
N SER B 181 2.83 4.31 13.41
CA SER B 181 1.73 4.72 12.50
C SER B 181 1.74 3.88 11.22
N TYR B 182 2.63 2.89 11.13
CA TYR B 182 2.83 2.08 9.90
C TYR B 182 2.14 0.71 9.99
N ILE B 183 1.18 0.59 10.90
CA ILE B 183 0.34 -0.63 10.97
C ILE B 183 -0.90 -0.39 10.11
N CYS B 184 -1.72 -1.44 9.93
CA CYS B 184 -3.01 -1.46 9.17
C CYS B 184 -2.77 -1.55 7.65
N SER B 185 -3.52 -2.41 6.97
CA SER B 185 -3.31 -2.71 5.53
C SER B 185 -3.86 -1.55 4.69
N ARG B 186 -3.32 -1.39 3.48
CA ARG B 186 -3.75 -0.32 2.57
C ARG B 186 -5.18 -0.60 2.16
N TYR B 187 -5.99 0.45 2.19
CA TYR B 187 -7.44 0.57 1.86
C TYR B 187 -8.25 0.83 3.13
N TYR B 188 -7.83 0.26 4.26
CA TYR B 188 -8.60 0.31 5.51
C TYR B 188 -7.95 1.17 6.59
N ARG B 189 -6.98 2.00 6.24
CA ARG B 189 -6.20 2.80 7.22
C ARG B 189 -7.00 4.07 7.49
N ALA B 190 -7.14 4.41 8.76
CA ALA B 190 -7.77 5.66 9.23
C ALA B 190 -6.96 6.85 8.76
N PRO B 191 -7.60 7.99 8.46
CA PRO B 191 -6.87 9.19 8.03
C PRO B 191 -5.77 9.59 9.00
N GLU B 192 -6.00 9.52 10.31
CA GLU B 192 -4.95 9.91 11.29
C GLU B 192 -3.72 9.01 11.08
N LEU B 193 -3.89 7.72 10.72
CA LEU B 193 -2.74 6.80 10.45
C LEU B 193 -2.02 7.26 9.19
N ILE B 194 -2.76 7.76 8.21
CA ILE B 194 -2.18 8.20 6.91
C ILE B 194 -1.32 9.45 7.17
N PHE B 195 -1.87 10.40 7.95
CA PHE B 195 -1.21 11.64 8.40
C PHE B 195 -0.10 11.33 9.42
N GLY B 196 0.20 10.07 9.72
CA GLY B 196 1.39 9.65 10.53
C GLY B 196 1.24 9.84 12.06
N ALA B 197 0.05 10.16 12.57
CA ALA B 197 -0.24 10.34 14.03
C ALA B 197 0.27 9.14 14.83
N THR B 198 0.77 9.34 16.06
CA THR B 198 1.24 8.23 16.94
C THR B 198 0.48 8.20 18.27
N ASP B 199 -0.51 9.09 18.44
CA ASP B 199 -1.40 9.21 19.62
C ASP B 199 -2.83 8.81 19.27
N TYR B 200 -2.99 7.89 18.33
CA TYR B 200 -4.32 7.38 17.90
C TYR B 200 -4.85 6.44 18.98
N THR B 201 -6.16 6.15 18.92
CA THR B 201 -6.97 5.36 19.89
C THR B 201 -7.45 4.08 19.21
N SER B 202 -8.38 3.37 19.83
CA SER B 202 -8.95 2.12 19.26
C SER B 202 -9.87 2.48 18.10
N SER B 203 -10.25 3.75 17.96
CA SER B 203 -11.13 4.22 16.86
C SER B 203 -10.54 3.86 15.49
N ILE B 204 -9.24 3.54 15.39
CA ILE B 204 -8.66 3.13 14.07
C ILE B 204 -9.40 1.87 13.61
N ASP B 205 -9.75 0.98 14.55
CA ASP B 205 -10.43 -0.31 14.20
C ASP B 205 -11.85 0.00 13.68
N VAL B 206 -12.48 1.06 14.16
CA VAL B 206 -13.89 1.42 13.78
C VAL B 206 -13.86 1.94 12.33
N TRP B 207 -12.83 2.69 11.97
CA TRP B 207 -12.69 3.23 10.61
C TRP B 207 -12.47 2.03 9.65
N SER B 208 -11.56 1.14 10.02
CA SER B 208 -11.29 -0.10 9.25
C SER B 208 -12.60 -0.88 9.11
N ALA B 209 -13.37 -1.04 10.18
CA ALA B 209 -14.64 -1.81 10.13
C ALA B 209 -15.61 -1.13 9.17
N GLY B 210 -15.68 0.20 9.20
CA GLY B 210 -16.52 1.00 8.28
C GLY B 210 -16.14 0.78 6.84
N CYS B 211 -14.85 0.68 6.54
CA CYS B 211 -14.32 0.42 5.17
C CYS B 211 -14.73 -0.96 4.69
N VAL B 212 -14.90 -1.92 5.59
CA VAL B 212 -15.40 -3.30 5.25
C VAL B 212 -16.90 -3.22 4.95
N LEU B 213 -17.64 -2.41 5.71
CA LEU B 213 -19.09 -2.27 5.49
C LEU B 213 -19.28 -1.70 4.08
N ALA B 214 -18.63 -0.60 3.77
CA ALA B 214 -18.85 0.10 2.48
C ALA B 214 -18.56 -0.91 1.36
N GLU B 215 -17.49 -1.70 1.47
CA GLU B 215 -16.94 -2.62 0.43
C GLU B 215 -17.92 -3.79 0.17
N LEU B 216 -18.62 -4.25 1.19
CA LEU B 216 -19.64 -5.33 1.07
C LEU B 216 -20.87 -4.77 0.34
N LEU B 217 -21.25 -3.52 0.61
CA LEU B 217 -22.34 -2.81 -0.11
C LEU B 217 -21.92 -2.56 -1.57
N LEU B 218 -20.83 -1.82 -1.85
CA LEU B 218 -20.37 -1.42 -3.21
C LEU B 218 -19.89 -2.61 -4.06
N GLY B 219 -19.43 -3.71 -3.45
CA GLY B 219 -18.81 -4.85 -4.17
C GLY B 219 -17.37 -4.56 -4.58
N GLN B 220 -16.75 -3.49 -4.06
CA GLN B 220 -15.30 -3.24 -4.22
C GLN B 220 -14.81 -2.21 -3.19
N PRO B 221 -13.48 -2.09 -2.95
CA PRO B 221 -12.97 -1.20 -1.90
C PRO B 221 -13.46 0.25 -2.07
N ILE B 222 -13.77 1.00 -1.00
CA ILE B 222 -14.27 2.41 -1.13
C ILE B 222 -13.13 3.44 -1.22
N PHE B 223 -11.98 3.25 -0.58
CA PHE B 223 -10.87 4.24 -0.60
C PHE B 223 -9.57 3.58 -1.08
N PRO B 224 -9.49 3.19 -2.37
CA PRO B 224 -8.30 2.55 -2.92
C PRO B 224 -7.22 3.55 -3.34
N GLY B 225 -6.02 3.05 -3.58
CA GLY B 225 -4.84 3.93 -3.68
C GLY B 225 -3.59 3.15 -3.34
N ASP B 226 -2.57 3.33 -4.18
CA ASP B 226 -1.24 2.73 -4.03
C ASP B 226 -0.39 3.62 -3.10
N SER B 227 -0.73 4.90 -3.00
CA SER B 227 -0.10 5.89 -2.08
C SER B 227 -1.15 6.42 -1.09
N GLY B 228 -0.71 7.15 -0.07
CA GLY B 228 -1.54 7.83 0.93
C GLY B 228 -2.24 9.01 0.31
N VAL B 229 -1.52 9.77 -0.51
CA VAL B 229 -2.06 10.92 -1.31
C VAL B 229 -3.28 10.40 -2.08
N ASP B 230 -3.10 9.32 -2.84
CA ASP B 230 -4.19 8.68 -3.63
C ASP B 230 -5.34 8.32 -2.68
N GLN B 231 -5.04 7.71 -1.52
CA GLN B 231 -6.02 7.31 -0.49
C GLN B 231 -6.76 8.54 0.02
N LEU B 232 -6.08 9.59 0.47
CA LEU B 232 -6.72 10.83 1.01
C LEU B 232 -7.66 11.47 0.00
N VAL B 233 -7.34 11.44 -1.30
CA VAL B 233 -8.16 12.11 -2.34
C VAL B 233 -9.51 11.37 -2.41
N GLU B 234 -9.48 10.03 -2.44
CA GLU B 234 -10.70 9.16 -2.51
C GLU B 234 -11.61 9.37 -1.31
N ILE B 235 -11.00 9.71 -0.16
CA ILE B 235 -11.70 10.06 1.12
C ILE B 235 -12.29 11.46 0.97
N ILE B 236 -11.47 12.48 0.79
CA ILE B 236 -11.92 13.89 0.54
C ILE B 236 -13.00 13.93 -0.57
N LYS B 237 -13.00 12.99 -1.50
CA LYS B 237 -14.04 12.98 -2.56
C LYS B 237 -15.40 12.57 -1.96
N VAL B 238 -15.41 11.91 -0.80
CA VAL B 238 -16.64 11.35 -0.16
C VAL B 238 -17.03 12.20 1.05
N LEU B 239 -16.08 12.56 1.92
CA LEU B 239 -16.35 13.33 3.18
C LEU B 239 -16.14 14.82 2.93
N GLY B 240 -15.55 15.19 1.79
CA GLY B 240 -15.08 16.56 1.54
C GLY B 240 -13.84 16.93 2.33
N THR B 241 -13.37 18.16 2.13
CA THR B 241 -12.13 18.76 2.70
C THR B 241 -12.27 18.91 4.22
N PRO B 242 -11.46 18.21 5.03
CA PRO B 242 -11.50 18.41 6.48
C PRO B 242 -11.25 19.88 6.84
N THR B 243 -12.02 20.45 7.79
CA THR B 243 -11.87 21.82 8.35
C THR B 243 -10.58 21.88 9.17
N ARG B 244 -10.14 23.08 9.59
CA ARG B 244 -8.90 23.23 10.41
C ARG B 244 -9.10 22.46 11.73
N GLU B 245 -10.26 22.61 12.41
CA GLU B 245 -10.63 21.81 13.62
C GLU B 245 -10.31 20.32 13.37
N GLN B 246 -10.95 19.72 12.37
CA GLN B 246 -10.90 18.25 12.05
C GLN B 246 -9.45 17.76 11.84
N ILE B 247 -8.62 18.54 11.15
CA ILE B 247 -7.21 18.17 10.84
C ILE B 247 -6.44 18.09 12.16
N ARG B 248 -6.76 19.02 13.08
CA ARG B 248 -6.05 19.21 14.37
C ARG B 248 -6.30 17.99 15.27
N GLU B 249 -7.48 17.37 15.16
CA GLU B 249 -7.91 16.21 15.98
C GLU B 249 -7.39 14.90 15.37
N MET B 250 -6.87 14.91 14.14
CA MET B 250 -6.18 13.75 13.50
C MET B 250 -4.68 13.82 13.79
N ASN B 251 -4.07 14.99 13.57
CA ASN B 251 -2.60 15.24 13.68
C ASN B 251 -2.52 16.76 13.53
N PHE B 257 0.05 20.43 3.92
CA PHE B 257 -1.34 20.89 4.20
C PHE B 257 -2.01 21.50 2.94
N LYS B 258 -1.63 21.05 1.72
CA LYS B 258 -2.09 21.62 0.39
C LYS B 258 -3.34 20.85 -0.09
N PHE B 259 -4.51 21.13 0.52
CA PHE B 259 -5.77 20.34 0.36
C PHE B 259 -6.74 21.01 -0.61
N PRO B 260 -7.18 20.27 -1.64
CA PRO B 260 -8.19 20.77 -2.59
C PRO B 260 -9.59 20.94 -1.96
N GLN B 261 -10.29 22.04 -2.25
CA GLN B 261 -11.64 22.37 -1.70
C GLN B 261 -12.72 21.61 -2.49
N ILE B 262 -13.16 20.46 -1.96
CA ILE B 262 -14.26 19.65 -2.54
C ILE B 262 -15.44 19.66 -1.56
N LYS B 263 -16.62 20.13 -2.00
CA LYS B 263 -17.90 19.97 -1.25
C LYS B 263 -18.13 18.46 -1.07
N ALA B 264 -18.66 18.08 0.09
CA ALA B 264 -18.95 16.67 0.48
C ALA B 264 -19.99 16.06 -0.47
N HIS B 265 -19.65 14.95 -1.15
CA HIS B 265 -20.59 14.16 -2.00
C HIS B 265 -21.70 13.54 -1.13
N PRO B 266 -22.98 13.92 -1.31
CA PRO B 266 -24.07 13.41 -0.48
C PRO B 266 -24.07 11.88 -0.45
N TRP B 267 -24.05 11.36 0.78
CA TRP B 267 -23.76 9.95 1.11
C TRP B 267 -24.66 8.98 0.31
N THR B 268 -25.95 9.32 0.16
CA THR B 268 -26.97 8.45 -0.49
C THR B 268 -26.59 8.29 -1.98
N LYS B 269 -25.84 9.24 -2.56
CA LYS B 269 -25.36 9.24 -3.98
C LYS B 269 -24.09 8.39 -4.18
N VAL B 270 -23.58 7.73 -3.13
CA VAL B 270 -22.29 6.95 -3.15
C VAL B 270 -22.56 5.47 -3.42
N PHE B 271 -23.68 4.94 -2.93
CA PHE B 271 -24.00 3.50 -2.99
C PHE B 271 -24.96 3.30 -4.16
N ARG B 272 -25.16 2.08 -4.68
CA ARG B 272 -26.24 1.78 -5.68
C ARG B 272 -27.58 2.18 -5.06
N PRO B 273 -28.68 2.37 -5.84
CA PRO B 273 -29.88 3.01 -5.31
C PRO B 273 -30.78 2.10 -4.43
N ARG B 274 -30.75 0.78 -4.63
CA ARG B 274 -31.56 -0.20 -3.84
C ARG B 274 -30.91 -0.50 -2.47
N THR B 275 -30.03 0.39 -1.97
CA THR B 275 -29.18 0.16 -0.77
C THR B 275 -29.90 0.71 0.45
N PRO B 276 -30.11 -0.12 1.52
CA PRO B 276 -30.86 0.33 2.70
C PRO B 276 -30.31 1.63 3.34
N PRO B 277 -31.13 2.67 3.59
CA PRO B 277 -30.67 3.93 4.18
C PRO B 277 -30.11 3.84 5.59
N GLU B 278 -30.39 2.74 6.31
CA GLU B 278 -29.82 2.49 7.66
C GLU B 278 -28.37 2.00 7.50
N ALA B 279 -28.05 1.24 6.43
CA ALA B 279 -26.67 0.84 6.07
C ALA B 279 -25.81 2.08 5.76
N ILE B 280 -26.40 3.09 5.13
CA ILE B 280 -25.70 4.35 4.77
C ILE B 280 -25.50 5.23 6.01
N ALA B 281 -26.56 5.49 6.77
CA ALA B 281 -26.47 6.20 8.07
C ALA B 281 -25.28 5.64 8.85
N LEU B 282 -25.23 4.32 9.03
CA LEU B 282 -24.16 3.59 9.76
C LEU B 282 -22.80 4.01 9.18
N CYS B 283 -22.53 3.79 7.89
CA CYS B 283 -21.28 4.26 7.23
C CYS B 283 -20.95 5.71 7.66
N SER B 284 -21.88 6.64 7.51
CA SER B 284 -21.63 8.08 7.79
C SER B 284 -21.13 8.23 9.23
N ARG B 285 -21.53 7.36 10.13
CA ARG B 285 -21.18 7.45 11.58
C ARG B 285 -19.93 6.60 11.91
N LEU B 286 -19.48 5.69 11.04
CA LEU B 286 -18.22 4.91 11.20
C LEU B 286 -17.03 5.64 10.56
N LEU B 287 -17.23 6.23 9.38
CA LEU B 287 -16.20 6.92 8.57
C LEU B 287 -16.45 8.40 8.86
N GLU B 288 -15.90 8.91 9.98
CA GLU B 288 -15.93 10.36 10.34
C GLU B 288 -14.46 10.79 10.41
N TYR B 289 -14.15 12.03 10.04
CA TYR B 289 -12.73 12.51 10.13
C TYR B 289 -12.23 12.47 11.59
N THR B 290 -13.00 13.07 12.50
CA THR B 290 -12.66 13.23 13.94
C THR B 290 -12.77 11.87 14.65
N PRO B 291 -11.66 11.24 15.08
CA PRO B 291 -11.73 9.91 15.68
C PRO B 291 -12.76 9.74 16.81
N THR B 292 -12.89 10.77 17.68
CA THR B 292 -13.77 10.79 18.88
C THR B 292 -15.25 10.84 18.45
N ALA B 293 -15.56 11.16 17.20
CA ALA B 293 -16.94 11.31 16.71
C ALA B 293 -17.42 10.00 16.08
N ARG B 294 -16.55 9.00 16.00
CA ARG B 294 -16.95 7.72 15.40
C ARG B 294 -17.76 6.98 16.46
N LEU B 295 -18.74 6.16 16.07
CA LEU B 295 -19.37 5.17 16.97
C LEU B 295 -18.31 4.35 17.68
N THR B 296 -18.68 3.79 18.83
CA THR B 296 -17.95 2.68 19.51
C THR B 296 -18.45 1.37 18.91
N PRO B 297 -17.64 0.31 18.96
CA PRO B 297 -18.12 -1.03 18.56
C PRO B 297 -19.54 -1.37 19.10
N LEU B 298 -19.79 -1.03 20.37
CA LEU B 298 -21.06 -1.40 21.05
C LEU B 298 -22.16 -0.47 20.52
N GLU B 299 -21.85 0.82 20.41
CA GLU B 299 -22.79 1.82 19.86
C GLU B 299 -23.22 1.36 18.47
N ALA B 300 -22.33 0.65 17.76
CA ALA B 300 -22.56 0.17 16.38
C ALA B 300 -23.52 -1.01 16.41
N CYS B 301 -23.20 -2.03 17.21
CA CYS B 301 -24.03 -3.25 17.41
C CYS B 301 -25.50 -2.87 17.61
N ALA B 302 -25.74 -1.70 18.20
CA ALA B 302 -27.07 -1.24 18.66
C ALA B 302 -27.76 -0.37 17.60
N HIS B 303 -27.13 -0.13 16.45
CA HIS B 303 -27.64 0.77 15.40
C HIS B 303 -28.84 0.09 14.72
N SER B 304 -29.79 0.90 14.20
CA SER B 304 -31.03 0.40 13.57
C SER B 304 -30.71 -0.51 12.35
N PHE B 305 -29.57 -0.32 11.70
CA PHE B 305 -29.16 -1.22 10.61
C PHE B 305 -29.25 -2.69 11.07
N PHE B 306 -28.98 -3.03 12.34
CA PHE B 306 -28.88 -4.44 12.80
C PHE B 306 -30.24 -5.00 13.28
N ASP B 307 -31.31 -4.17 13.29
CA ASP B 307 -32.65 -4.48 13.88
C ASP B 307 -33.18 -5.81 13.39
N GLU B 308 -33.05 -6.12 12.10
CA GLU B 308 -33.54 -7.41 11.54
C GLU B 308 -32.99 -8.59 12.37
N LEU B 309 -31.78 -8.50 12.95
CA LEU B 309 -31.16 -9.65 13.65
C LEU B 309 -31.89 -9.89 14.97
N ARG B 310 -32.50 -8.83 15.51
CA ARG B 310 -33.23 -8.84 16.80
C ARG B 310 -34.71 -9.23 16.58
N ASP B 311 -35.12 -9.49 15.34
CA ASP B 311 -36.45 -10.08 15.06
C ASP B 311 -36.42 -11.54 15.53
N PRO B 312 -37.48 -11.97 16.25
CA PRO B 312 -37.55 -13.34 16.74
C PRO B 312 -37.76 -14.41 15.66
N ASN B 313 -38.16 -14.02 14.46
CA ASN B 313 -38.47 -14.94 13.34
C ASN B 313 -37.33 -15.03 12.34
N VAL B 314 -36.37 -14.12 12.40
CA VAL B 314 -35.15 -14.12 11.53
C VAL B 314 -34.64 -15.56 11.47
N LYS B 315 -34.28 -16.01 10.27
CA LYS B 315 -33.69 -17.36 10.03
C LYS B 315 -32.63 -17.23 8.95
N LEU B 316 -31.72 -18.18 8.83
CA LEU B 316 -30.73 -18.13 7.71
C LEU B 316 -31.39 -18.55 6.40
N PRO B 317 -31.05 -17.90 5.26
CA PRO B 317 -31.36 -18.41 3.94
C PRO B 317 -31.28 -19.92 3.77
N ASN B 318 -30.33 -20.59 4.42
CA ASN B 318 -30.18 -22.07 4.32
C ASN B 318 -31.15 -22.78 5.29
N GLY B 319 -31.96 -22.04 6.05
CA GLY B 319 -33.09 -22.62 6.81
C GLY B 319 -32.78 -22.86 8.27
N ARG B 320 -31.48 -23.01 8.63
CA ARG B 320 -30.95 -23.05 10.03
C ARG B 320 -31.26 -21.77 10.82
N ASP B 321 -31.06 -21.80 12.13
CA ASP B 321 -31.21 -20.61 13.03
C ASP B 321 -29.97 -19.73 12.95
N THR B 322 -30.11 -18.48 13.38
CA THR B 322 -28.94 -17.59 13.54
C THR B 322 -28.04 -18.17 14.61
N PRO B 323 -26.74 -17.84 14.55
CA PRO B 323 -25.82 -18.22 15.61
C PRO B 323 -25.98 -17.28 16.81
N ALA B 324 -25.29 -17.58 17.89
CA ALA B 324 -25.26 -16.74 19.12
C ALA B 324 -25.10 -15.27 18.71
N LEU B 325 -26.05 -14.41 19.06
CA LEU B 325 -25.91 -12.96 18.80
C LEU B 325 -26.02 -12.14 20.10
N PHE B 326 -26.49 -12.76 21.18
CA PHE B 326 -27.11 -12.03 22.32
C PHE B 326 -26.49 -12.40 23.67
N ASN B 327 -25.63 -13.42 23.72
CA ASN B 327 -24.96 -13.92 24.93
C ASN B 327 -23.86 -12.87 25.16
N PHE B 328 -24.21 -11.69 25.68
CA PHE B 328 -23.25 -10.63 26.06
C PHE B 328 -22.83 -11.00 27.49
N THR B 329 -21.55 -10.80 27.83
CA THR B 329 -20.99 -10.75 29.21
C THR B 329 -20.97 -9.30 29.74
N THR B 330 -20.80 -9.14 31.06
CA THR B 330 -20.60 -7.82 31.75
C THR B 330 -19.40 -7.09 31.11
N GLN B 331 -18.30 -7.82 30.93
CA GLN B 331 -17.04 -7.35 30.28
C GLN B 331 -17.42 -6.60 28.99
N GLU B 332 -18.07 -7.34 28.08
CA GLU B 332 -18.39 -6.95 26.68
C GLU B 332 -19.23 -5.66 26.66
N LEU B 333 -20.00 -5.39 27.73
CA LEU B 333 -21.03 -4.33 27.82
C LEU B 333 -20.50 -3.12 28.60
N SER B 334 -19.30 -3.28 29.17
CA SER B 334 -18.70 -2.33 30.14
C SER B 334 -18.60 -0.93 29.52
N SER B 335 -18.11 -0.81 28.29
CA SER B 335 -18.14 0.44 27.50
C SER B 335 -19.41 1.25 27.82
N ASN B 336 -20.56 0.60 27.96
CA ASN B 336 -21.81 1.37 28.15
C ASN B 336 -22.97 0.41 28.41
N PRO B 337 -23.19 -0.05 29.65
CA PRO B 337 -24.24 -1.03 29.98
C PRO B 337 -25.69 -0.73 29.62
N PRO B 338 -26.19 0.50 29.78
CA PRO B 338 -27.55 0.86 29.40
C PRO B 338 -27.97 0.35 28.01
N LEU B 339 -27.03 0.11 27.11
CA LEU B 339 -27.37 -0.40 25.77
C LEU B 339 -27.87 -1.87 25.83
N ALA B 340 -27.65 -2.60 26.93
CA ALA B 340 -28.03 -4.03 27.05
C ALA B 340 -29.52 -4.18 26.79
N THR B 341 -30.32 -3.16 27.16
CA THR B 341 -31.80 -3.17 27.00
C THR B 341 -32.15 -3.21 25.50
N ILE B 342 -31.26 -2.69 24.65
CA ILE B 342 -31.38 -2.74 23.16
C ILE B 342 -30.73 -4.02 22.60
N LEU B 343 -29.51 -4.35 23.01
CA LEU B 343 -28.72 -5.45 22.38
C LEU B 343 -29.35 -6.80 22.68
N ILE B 344 -30.05 -6.92 23.82
CA ILE B 344 -30.68 -8.20 24.25
C ILE B 344 -32.19 -8.04 24.15
N PRO B 345 -32.76 -8.62 23.07
CA PRO B 345 -34.18 -8.43 22.75
C PRO B 345 -35.06 -9.28 23.65
N PRO B 346 -36.34 -8.87 23.87
CA PRO B 346 -37.29 -9.61 24.70
C PRO B 346 -37.21 -11.14 24.58
N HIS B 347 -37.08 -11.70 23.37
CA HIS B 347 -37.14 -13.16 23.14
C HIS B 347 -35.84 -13.92 23.47
N ALA B 348 -34.74 -13.30 23.86
CA ALA B 348 -33.39 -13.93 23.88
C ALA B 348 -33.03 -14.59 25.21
N ARG B 349 -32.49 -15.80 25.16
CA ARG B 349 -31.81 -16.45 26.31
C ARG B 349 -30.31 -16.28 26.03
C18 39I C . -0.34 7.98 -15.35
C16 39I C . 1.01 7.61 -15.44
C14 39I C . 1.53 7.09 -16.62
C15 39I C . 0.70 6.94 -17.73
C17 39I C . -1.16 7.82 -16.45
C13 39I C . -0.63 7.31 -17.63
C12 39I C . -1.55 7.19 -18.80
N 39I C . -1.51 5.85 -19.35
C 39I C . -0.71 5.44 -20.36
N2 39I C . 0.15 6.35 -20.85
C5 39I C . 0.98 6.04 -21.83
C2 39I C . 0.92 4.65 -22.35
S 39I C . 1.79 3.85 -23.52
C3 39I C . 1.01 2.30 -23.33
C4 39I C . 0.05 2.38 -22.35
C1 39I C . -0.01 3.72 -21.78
N1 39I C . -0.81 4.15 -20.80
N3 39I C . 1.83 6.98 -22.31
C11 39I C . 1.93 8.26 -21.86
C10 39I C . 1.49 9.09 -20.84
N4 39I C . 2.68 8.96 -22.67
N5 39I C . 2.81 10.28 -22.27
C9 39I C . 2.09 10.30 -21.16
C7 39I C . 1.86 11.52 -20.36
C8 39I C . 0.65 11.57 -19.43
C6 39I C . 2.08 11.41 -18.86
CL CL D . 0.45 11.07 -14.81
CL CL E . 1.25 1.94 -17.05
CL CL F . 36.02 5.24 -26.03
CL CL G . 11.71 -3.82 -24.50
C18 39I H . -3.67 -15.14 6.29
C16 39I H . -4.79 -14.59 6.93
C14 39I H . -5.88 -15.40 7.30
C15 39I H . -5.82 -16.77 7.06
C17 39I H . -3.63 -16.50 6.05
C13 39I H . -4.69 -17.30 6.46
C12 39I H . -4.65 -18.76 6.20
N 39I H . -5.44 -18.99 5.02
C 39I H . -6.67 -19.55 5.02
N2 39I H . -7.22 -19.87 6.20
C5 39I H . -8.42 -20.44 6.33
C2 39I H . -9.16 -20.68 5.06
S 39I H . -10.64 -21.36 4.72
C3 39I H . -10.49 -21.21 2.99
C4 39I H . -9.29 -20.61 2.62
C1 39I H . -8.52 -20.31 3.79
N1 39I H . -7.30 -19.76 3.82
N3 39I H . -8.88 -20.75 7.56
C11 39I H . -8.23 -20.55 8.75
C10 39I H . -7.06 -19.95 9.21
N4 39I H . -8.85 -21.07 9.81
N5 39I H . -8.17 -20.82 10.98
C9 39I H . -7.07 -20.17 10.58
C7 39I H . -5.93 -19.68 11.42
C8 39I H . -4.85 -18.73 10.94
C6 39I H . -6.10 -18.17 11.64
CL CL I . -3.10 -15.22 10.33
CL CL J . -7.96 -15.08 2.79
#